data_9CHT
#
_entry.id   9CHT
#
loop_
_entity.id
_entity.type
_entity.pdbx_description
1 polymer 'Ubiquitin-protein ligase E3A'
2 polymer 'Immunoglobulin G-binding protein G/Cellular tumor antigen p53 fusion protein'
3 polymer 'Protein E6'
#
loop_
_entity_poly.entity_id
_entity_poly.type
_entity_poly.pdbx_seq_one_letter_code
_entity_poly.pdbx_strand_id
1 'polypeptide(L)'
;MGSSHHHHHHSSGLVPRGSHMEKLHQCYWKSGEPQSDDIEASRMKRAAAKHLIERYYHQLTEGCGNEACTNEFCASCPTF
LRMDNNAAAIKALELYKINAKLCDPHPSKKGASSAYLENSKGAPNNSCSEIKMNKKGARIDFKDVTYLTEEKVYEILELC
REREDYSPLIRVIGRVFSSAEALVQSFRKVKQHTKEELKSLQAKDEDKDEDEKEKAACSAAAMEEDSEASSSRIGDSSQG
DNNLQKLGPDDVSVDIDAIRRVYTRLLSNEKIETAFLNALVYLSPNVECDLTYHNVYSRDPNYLNLFIIVMENRNLHSPE
YLEMALPLFCKAMSKLPLAAQGKLIRLWSKYNADQIRRMMETFQQLITYKVISNEFNSRNLVNDDDAIVAASKCLKMVYY
ANVVGGEVDTNHNEEDDEEPIPESSELTLQELLGEERRNKKGPRVDPLETELGVKTLDCRKPLIPFEEFINEPLNEVLEM
DKDYTFFKVETENKFSFMTCPFILNAVTKNLGLYYDNRIRMYSERRITVLYSLVQGQQLNPYLRLKVRRDHIIDDALVRL
EMIAMENPADLKKQLYVEFEGEQGVDEGGVSKEFFQLVVEEIFNPDIGMFTYDESTKLFWFNPSSFETEGQFTLIGIVLG
LAIYNNCILDVHFPMVVYRKLMGKKGTFRDLGDSHPVLYQSLKDLLEYEGNVEDDMMITFQISQTDLFGNPMMYDLKENG
DKIPITNENRKEFVNLYSDYILNKSVEKQFKAFRRGFHMVTNESPLKYLFRPEEIELLICGSRNLDFQALEETTEYDGGY
TRDSVLIREFWEIVHSFTDEQKRLFLQFTTGTDRAPVGGLGKLKMIIAKNGPDTERLPTSHTCFNVLLLPEYSSKEKLKE
RLLKAITYAKGFGML
;
A
2 'polypeptide(L)'
;MGHHHHHHSSGMTYKLILNGKTLKGETTTEAVDAATAEKVFKQYANDNGVDGEWTYDDATKTFTVTEEFSSGSSGENLYF
QGSHMEEPQSDPSVEPPLSQETFSDLWKLLPENNVLSPLPSQAMDDLMLSPDDIEQWFTEDPGPDEAPRMPEAAPPVAPA
PAAPTPAAPAPAPSWPLSSSVPSQKTYQGSYGFRLGFLHSGTAKSVTCTYSPALNKLFCQLAKTCPVQLWVDSTPPPGTR
VRAMAIYKQSQHMTEVVRRCPHHERCSDSDGLAPPQHLIRVEGNLRAEYLDDRNTFRHSVVVPYEPPEVGSDCTTIHYNY
MCYSSCMGGMNRRPILTIITLEDSSGNLLGRDSFEVRVCACPGRDRRTEEENLRKKGEPHHELPPGSTKRALPNNT
;
B
3 'polypeptide(L)'
;MFQDPQERPRKLPQLCTELQTTIHDIILECVYCKQQLLRREVYDFAFRDLCIVYRDGNPYAVCDKCLKFYSKISEYRHYC
YSLYGTTLEQQYNKPLCDLLIRCINCQKPLCPEEKQRHLDKKQRFHNIRGRWTGRCMSCCRSSRTRRETQL
;
C
#
# COMPACT_ATOMS: atom_id res chain seq x y z
N ARG A 139 4.40 -57.80 -32.09
CA ARG A 139 4.66 -56.42 -31.69
C ARG A 139 3.50 -55.85 -30.90
N ILE A 140 3.78 -55.37 -29.69
CA ILE A 140 2.79 -54.73 -28.83
C ILE A 140 3.07 -53.23 -28.82
N ASP A 141 2.04 -52.45 -29.13
CA ASP A 141 2.18 -50.99 -29.16
C ASP A 141 2.04 -50.35 -27.80
N PHE A 142 1.62 -51.11 -26.78
CA PHE A 142 1.45 -50.60 -25.42
C PHE A 142 0.48 -49.42 -25.39
N LYS A 143 -0.55 -49.48 -26.22
CA LYS A 143 -1.56 -48.43 -26.29
C LYS A 143 -2.78 -48.73 -25.42
N ASP A 144 -2.79 -49.86 -24.72
CA ASP A 144 -3.87 -50.18 -23.79
C ASP A 144 -3.73 -49.45 -22.46
N VAL A 145 -2.56 -48.87 -22.19
CA VAL A 145 -2.29 -48.14 -20.95
C VAL A 145 -1.97 -46.70 -21.31
N THR A 146 -2.66 -45.76 -20.66
CA THR A 146 -2.47 -44.35 -20.94
C THR A 146 -1.91 -43.54 -19.77
N TYR A 147 -1.94 -44.07 -18.55
CA TYR A 147 -1.38 -43.38 -17.40
C TYR A 147 -0.28 -44.22 -16.78
N LEU A 148 0.71 -43.54 -16.19
CA LEU A 148 1.91 -44.18 -15.67
C LEU A 148 1.83 -44.28 -14.16
N THR A 149 2.20 -45.45 -13.63
CA THR A 149 2.33 -45.69 -12.20
C THR A 149 3.67 -46.38 -11.96
N GLU A 150 3.95 -46.69 -10.69
CA GLU A 150 5.23 -47.33 -10.36
C GLU A 150 5.30 -48.74 -10.92
N GLU A 151 4.28 -49.55 -10.67
CA GLU A 151 4.30 -50.94 -11.11
C GLU A 151 4.24 -51.06 -12.62
N LYS A 152 3.41 -50.25 -13.28
CA LYS A 152 3.27 -50.34 -14.73
C LYS A 152 4.56 -49.90 -15.42
N VAL A 153 5.18 -48.81 -14.97
CA VAL A 153 6.44 -48.38 -15.55
C VAL A 153 7.54 -49.41 -15.26
N TYR A 154 7.49 -50.03 -14.08
CA TYR A 154 8.45 -51.09 -13.77
C TYR A 154 8.31 -52.26 -14.73
N GLU A 155 7.07 -52.67 -15.02
CA GLU A 155 6.84 -53.75 -15.97
C GLU A 155 7.29 -53.36 -17.37
N ILE A 156 7.04 -52.10 -17.76
CA ILE A 156 7.48 -51.64 -19.07
C ILE A 156 9.00 -51.69 -19.18
N LEU A 157 9.70 -51.24 -18.14
CA LEU A 157 11.16 -51.28 -18.14
C LEU A 157 11.68 -52.71 -18.16
N GLU A 158 11.04 -53.60 -17.41
CA GLU A 158 11.44 -55.01 -17.44
C GLU A 158 11.27 -55.62 -18.82
N LEU A 159 10.15 -55.32 -19.48
CA LEU A 159 9.93 -55.84 -20.83
C LEU A 159 10.95 -55.26 -21.81
N CYS A 160 11.26 -53.97 -21.68
CA CYS A 160 12.25 -53.36 -22.55
C CYS A 160 13.63 -53.98 -22.35
N ARG A 161 13.99 -54.24 -21.09
CA ARG A 161 15.28 -54.87 -20.81
C ARG A 161 15.32 -56.29 -21.35
N GLU A 162 14.24 -57.05 -21.18
CA GLU A 162 14.21 -58.42 -21.69
C GLU A 162 14.30 -58.45 -23.21
N ARG A 163 13.61 -57.53 -23.88
CA ARG A 163 13.66 -57.45 -25.34
C ARG A 163 14.81 -56.60 -25.85
N GLU A 164 15.52 -55.89 -24.96
CA GLU A 164 16.68 -55.09 -25.31
C GLU A 164 16.37 -54.08 -26.42
N ASP A 165 15.25 -53.40 -26.27
CA ASP A 165 14.84 -52.36 -27.23
C ASP A 165 14.20 -51.21 -26.46
N TYR A 166 14.77 -50.02 -26.63
CA TYR A 166 14.28 -48.83 -25.93
C TYR A 166 13.24 -48.05 -26.74
N SER A 167 13.01 -48.42 -27.99
CA SER A 167 12.00 -47.72 -28.80
C SER A 167 10.60 -47.78 -28.20
N PRO A 168 10.09 -48.91 -27.68
CA PRO A 168 8.78 -48.87 -27.01
C PRO A 168 8.73 -47.91 -25.84
N LEU A 169 9.80 -47.86 -25.03
CA LEU A 169 9.82 -46.94 -23.90
C LEU A 169 9.82 -45.49 -24.38
N ILE A 170 10.59 -45.19 -25.42
CA ILE A 170 10.61 -43.83 -25.97
C ILE A 170 9.23 -43.44 -26.48
N ARG A 171 8.57 -44.36 -27.21
CA ARG A 171 7.25 -44.06 -27.73
C ARG A 171 6.25 -43.85 -26.60
N VAL A 172 6.31 -44.69 -25.55
CA VAL A 172 5.40 -44.55 -24.43
C VAL A 172 5.61 -43.22 -23.72
N ILE A 173 6.87 -42.84 -23.49
CA ILE A 173 7.13 -41.62 -22.75
C ILE A 173 6.73 -40.40 -23.57
N GLY A 174 6.96 -40.44 -24.89
CA GLY A 174 6.49 -39.35 -25.74
C GLY A 174 4.98 -39.24 -25.75
N ARG A 175 4.29 -40.37 -25.82
CA ARG A 175 2.83 -40.36 -25.78
C ARG A 175 2.33 -39.79 -24.45
N VAL A 176 2.97 -40.17 -23.34
CA VAL A 176 2.54 -39.69 -22.04
C VAL A 176 2.77 -38.18 -21.91
N PHE A 177 3.93 -37.71 -22.34
CA PHE A 177 4.29 -36.30 -22.18
C PHE A 177 3.83 -35.44 -23.34
N SER A 178 3.04 -35.99 -24.27
CA SER A 178 2.48 -35.18 -25.34
C SER A 178 1.20 -34.44 -24.94
N SER A 179 0.61 -34.76 -23.79
CA SER A 179 -0.66 -34.16 -23.40
C SER A 179 -0.66 -33.88 -21.90
N ALA A 180 -1.52 -32.95 -21.49
CA ALA A 180 -1.64 -32.56 -20.09
C ALA A 180 -2.43 -33.59 -19.28
N GLU A 181 -3.49 -34.16 -19.85
CA GLU A 181 -4.35 -35.06 -19.09
C GLU A 181 -3.64 -36.36 -18.73
N ALA A 182 -2.71 -36.81 -19.58
CA ALA A 182 -1.93 -37.99 -19.24
C ALA A 182 -1.14 -37.79 -17.95
N LEU A 183 -0.58 -36.60 -17.78
CA LEU A 183 0.12 -36.29 -16.53
C LEU A 183 -0.87 -36.02 -15.40
N VAL A 184 -2.06 -35.52 -15.73
CA VAL A 184 -3.09 -35.30 -14.71
C VAL A 184 -3.47 -36.61 -14.06
N GLN A 185 -3.68 -37.66 -14.87
CA GLN A 185 -3.99 -38.97 -14.34
C GLN A 185 -2.75 -39.74 -13.90
N SER A 186 -1.56 -39.22 -14.16
CA SER A 186 -0.33 -39.96 -13.86
C SER A 186 -0.05 -39.98 -12.37
N PHE A 187 0.52 -41.09 -11.90
CA PHE A 187 0.95 -41.25 -10.52
C PHE A 187 -0.19 -40.97 -9.54
N ARG A 188 -1.39 -41.43 -9.88
CA ARG A 188 -2.55 -41.26 -9.01
C ARG A 188 -2.48 -42.31 -7.91
N LYS A 189 -2.29 -41.85 -6.67
CA LYS A 189 -2.21 -42.76 -5.53
C LYS A 189 -3.57 -43.38 -5.25
N VAL A 190 -3.55 -44.61 -4.75
CA VAL A 190 -4.77 -45.34 -4.43
C VAL A 190 -5.47 -44.69 -3.24
N ILE A 256 3.01 -41.53 -2.39
CA ILE A 256 3.65 -40.24 -2.59
C ILE A 256 5.15 -40.46 -2.84
N ASP A 257 5.62 -41.67 -2.53
CA ASP A 257 7.03 -42.01 -2.72
C ASP A 257 7.36 -42.37 -4.16
N ALA A 258 6.37 -42.44 -5.04
CA ALA A 258 6.65 -42.72 -6.45
C ALA A 258 7.53 -41.65 -7.07
N ILE A 259 7.16 -40.38 -6.87
CA ILE A 259 8.01 -39.29 -7.37
C ILE A 259 9.33 -39.28 -6.64
N ARG A 260 9.37 -39.81 -5.41
CA ARG A 260 10.60 -39.80 -4.63
C ARG A 260 11.60 -40.85 -5.11
N ARG A 261 11.13 -41.97 -5.66
CA ARG A 261 12.02 -43.09 -5.98
C ARG A 261 12.13 -43.40 -7.46
N VAL A 262 11.07 -43.22 -8.24
CA VAL A 262 11.08 -43.65 -9.64
C VAL A 262 12.11 -42.87 -10.45
N TYR A 263 12.23 -41.56 -10.18
CA TYR A 263 13.12 -40.71 -10.99
C TYR A 263 14.58 -41.12 -10.87
N THR A 264 14.95 -41.90 -9.85
CA THR A 264 16.33 -42.35 -9.72
C THR A 264 16.73 -43.27 -10.86
N ARG A 265 15.84 -44.17 -11.27
CA ARG A 265 16.12 -45.16 -12.30
C ARG A 265 15.79 -44.68 -13.70
N LEU A 266 15.21 -43.49 -13.85
CA LEU A 266 15.00 -42.93 -15.19
C LEU A 266 16.31 -42.67 -15.91
N LEU A 267 17.38 -42.39 -15.16
CA LEU A 267 18.62 -41.85 -15.71
C LEU A 267 19.70 -42.91 -15.89
N SER A 268 19.31 -44.15 -16.23
CA SER A 268 20.26 -45.21 -16.49
C SER A 268 20.69 -45.26 -17.95
N ASN A 269 20.22 -44.32 -18.77
CA ASN A 269 20.53 -44.30 -20.20
C ASN A 269 20.76 -42.85 -20.61
N GLU A 270 20.82 -42.62 -21.92
CA GLU A 270 21.07 -41.28 -22.45
C GLU A 270 19.99 -40.85 -23.43
N LYS A 271 19.38 -41.83 -24.12
CA LYS A 271 18.41 -41.53 -25.16
C LYS A 271 17.08 -41.01 -24.61
N ILE A 272 16.86 -41.07 -23.30
CA ILE A 272 15.62 -40.54 -22.74
C ILE A 272 15.65 -39.02 -22.62
N GLU A 273 16.84 -38.41 -22.51
CA GLU A 273 16.92 -36.96 -22.37
C GLU A 273 16.56 -36.24 -23.66
N THR A 274 16.93 -36.81 -24.82
CA THR A 274 16.55 -36.21 -26.09
C THR A 274 15.03 -36.18 -26.24
N ALA A 275 14.35 -37.25 -25.81
CA ALA A 275 12.89 -37.26 -25.82
C ALA A 275 12.33 -36.29 -24.80
N PHE A 276 12.95 -36.20 -23.62
CA PHE A 276 12.48 -35.28 -22.59
C PHE A 276 12.51 -33.84 -23.09
N LEU A 277 13.57 -33.47 -23.80
CA LEU A 277 13.72 -32.09 -24.26
C LEU A 277 12.56 -31.69 -25.17
N ASN A 278 12.29 -32.47 -26.21
CA ASN A 278 11.23 -32.10 -27.13
C ASN A 278 9.86 -32.29 -26.50
N ALA A 279 9.72 -33.24 -25.57
CA ALA A 279 8.45 -33.40 -24.87
C ALA A 279 8.13 -32.15 -24.04
N LEU A 280 9.12 -31.61 -23.34
CA LEU A 280 8.88 -30.42 -22.53
C LEU A 280 8.84 -29.15 -23.34
N VAL A 281 9.40 -29.16 -24.56
CA VAL A 281 9.17 -28.03 -25.47
C VAL A 281 7.73 -28.05 -25.97
N TYR A 282 7.22 -29.22 -26.32
CA TYR A 282 5.88 -29.33 -26.91
C TYR A 282 4.78 -29.18 -25.86
N LEU A 283 4.97 -29.74 -24.66
CA LEU A 283 3.89 -29.83 -23.68
C LEU A 283 3.45 -28.46 -23.17
N SER A 284 4.39 -27.54 -22.97
CA SER A 284 4.07 -26.29 -22.26
C SER A 284 2.98 -25.45 -22.93
N PRO A 285 2.98 -25.24 -24.26
CA PRO A 285 1.86 -24.48 -24.85
C PRO A 285 0.50 -25.10 -24.61
N ASN A 286 0.41 -26.42 -24.53
CA ASN A 286 -0.85 -27.05 -24.15
C ASN A 286 -1.27 -26.62 -22.75
N VAL A 287 -0.31 -26.50 -21.84
CA VAL A 287 -0.62 -26.01 -20.50
C VAL A 287 -1.02 -24.54 -20.55
N GLU A 288 -0.42 -23.78 -21.46
CA GLU A 288 -0.84 -22.39 -21.62
C GLU A 288 -2.31 -22.32 -22.04
N CYS A 289 -2.71 -23.17 -22.98
CA CYS A 289 -4.11 -23.23 -23.39
C CYS A 289 -5.00 -23.67 -22.23
N ASP A 290 -4.54 -24.65 -21.45
CA ASP A 290 -5.31 -25.18 -20.34
C ASP A 290 -5.27 -24.31 -19.10
N LEU A 291 -4.49 -23.23 -19.10
CA LEU A 291 -4.39 -22.35 -17.95
C LEU A 291 -4.90 -20.94 -18.21
N THR A 292 -4.83 -20.45 -19.45
CA THR A 292 -5.30 -19.09 -19.73
C THR A 292 -6.79 -18.95 -19.43
N TYR A 293 -7.63 -19.67 -20.19
CA TYR A 293 -9.07 -19.75 -19.89
C TYR A 293 -9.51 -21.21 -19.91
N HIS A 294 -9.29 -21.90 -18.79
CA HIS A 294 -9.89 -23.22 -18.57
C HIS A 294 -10.41 -23.44 -17.16
N ASN A 295 -9.90 -22.72 -16.15
CA ASN A 295 -10.38 -22.83 -14.77
C ASN A 295 -10.27 -24.27 -14.25
N VAL A 296 -9.17 -24.94 -14.59
CA VAL A 296 -9.02 -26.35 -14.23
C VAL A 296 -8.94 -26.53 -12.72
N TYR A 297 -8.18 -25.66 -12.05
CA TYR A 297 -8.09 -25.76 -10.59
C TYR A 297 -9.45 -25.51 -9.95
N SER A 298 -10.25 -24.61 -10.52
CA SER A 298 -11.60 -24.38 -10.01
C SER A 298 -12.46 -25.63 -10.19
N ARG A 299 -12.35 -26.30 -11.34
CA ARG A 299 -13.15 -27.49 -11.58
C ARG A 299 -12.70 -28.66 -10.71
N ASP A 300 -11.39 -28.86 -10.61
CA ASP A 300 -10.85 -29.98 -9.85
C ASP A 300 -9.57 -29.58 -9.11
N PRO A 301 -9.53 -29.74 -7.79
CA PRO A 301 -8.27 -29.52 -7.06
C PRO A 301 -7.17 -30.50 -7.43
N ASN A 302 -7.52 -31.65 -8.03
CA ASN A 302 -6.54 -32.67 -8.38
C ASN A 302 -5.89 -32.36 -9.73
N TYR A 303 -5.21 -31.21 -9.77
CA TYR A 303 -4.53 -30.74 -10.96
C TYR A 303 -3.09 -30.34 -10.69
N LEU A 304 -2.63 -30.40 -9.45
CA LEU A 304 -1.27 -29.99 -9.09
C LEU A 304 -0.32 -31.19 -9.10
N ASN A 305 -0.21 -31.80 -10.27
CA ASN A 305 0.74 -32.88 -10.52
C ASN A 305 1.60 -32.65 -11.75
N LEU A 306 1.09 -31.91 -12.75
CA LEU A 306 1.82 -31.70 -13.99
C LEU A 306 3.15 -31.02 -13.75
N PHE A 307 3.13 -29.80 -13.22
CA PHE A 307 4.38 -29.08 -12.97
C PHE A 307 5.22 -29.73 -11.88
N ILE A 308 4.60 -30.44 -10.93
CA ILE A 308 5.39 -31.16 -9.94
C ILE A 308 6.25 -32.22 -10.63
N ILE A 309 5.66 -32.98 -11.54
CA ILE A 309 6.41 -33.97 -12.29
C ILE A 309 7.45 -33.30 -13.20
N VAL A 310 7.07 -32.20 -13.83
CA VAL A 310 7.98 -31.50 -14.74
C VAL A 310 9.18 -30.91 -13.99
N MET A 311 9.01 -30.60 -12.70
CA MET A 311 10.00 -29.83 -11.96
C MET A 311 10.81 -30.67 -10.98
N GLU A 312 10.34 -31.86 -10.60
CA GLU A 312 11.08 -32.64 -9.62
C GLU A 312 12.40 -33.19 -10.16
N ASN A 313 12.54 -33.32 -11.47
CA ASN A 313 13.76 -33.87 -12.07
C ASN A 313 14.88 -32.85 -11.96
N ARG A 314 15.82 -33.10 -11.04
CA ARG A 314 16.91 -32.16 -10.80
C ARG A 314 18.04 -32.35 -11.81
N ASN A 315 17.70 -32.42 -13.10
CA ASN A 315 18.71 -32.59 -14.13
C ASN A 315 18.46 -31.76 -15.38
N LEU A 316 17.36 -31.00 -15.44
CA LEU A 316 17.10 -30.14 -16.59
C LEU A 316 18.03 -28.93 -16.61
N HIS A 317 18.71 -28.63 -15.50
CA HIS A 317 19.53 -27.44 -15.36
C HIS A 317 20.75 -27.41 -16.29
N SER A 318 20.91 -28.41 -17.15
CA SER A 318 21.99 -28.35 -18.12
C SER A 318 21.73 -27.20 -19.11
N PRO A 319 22.77 -26.44 -19.47
CA PRO A 319 22.56 -25.26 -20.33
C PRO A 319 21.82 -25.52 -21.63
N GLU A 320 21.82 -26.76 -22.15
CA GLU A 320 21.15 -27.02 -23.41
C GLU A 320 19.64 -26.86 -23.29
N TYR A 321 19.06 -27.29 -22.16
CA TYR A 321 17.62 -27.11 -21.95
C TYR A 321 17.26 -25.64 -21.84
N LEU A 322 18.09 -24.86 -21.13
CA LEU A 322 17.73 -23.50 -20.76
C LEU A 322 17.95 -22.56 -21.94
N GLU A 323 17.39 -22.92 -23.09
CA GLU A 323 17.25 -22.04 -24.23
C GLU A 323 15.81 -22.02 -24.74
N MET A 324 15.15 -23.18 -24.77
CA MET A 324 13.75 -23.26 -25.13
C MET A 324 12.91 -24.17 -24.25
N ALA A 325 13.50 -25.05 -23.43
CA ALA A 325 12.69 -25.96 -22.65
C ALA A 325 12.15 -25.30 -21.38
N LEU A 326 13.04 -24.87 -20.50
CA LEU A 326 12.66 -24.28 -19.23
C LEU A 326 12.14 -22.85 -19.37
N PRO A 327 12.68 -22.03 -20.30
CA PRO A 327 12.04 -20.73 -20.54
C PRO A 327 10.58 -20.82 -20.96
N LEU A 328 10.21 -21.77 -21.81
CA LEU A 328 8.81 -21.92 -22.19
C LEU A 328 7.98 -22.47 -21.04
N PHE A 329 8.57 -23.34 -20.22
CA PHE A 329 7.90 -23.78 -19.01
C PHE A 329 7.62 -22.60 -18.09
N CYS A 330 8.55 -21.65 -18.00
CA CYS A 330 8.34 -20.46 -17.20
C CYS A 330 7.26 -19.56 -17.80
N LYS A 331 7.23 -19.46 -19.13
CA LYS A 331 6.16 -18.72 -19.79
C LYS A 331 4.79 -19.32 -19.47
N ALA A 332 4.71 -20.66 -19.45
CA ALA A 332 3.46 -21.31 -19.08
C ALA A 332 3.20 -21.25 -17.58
N MET A 333 4.24 -21.05 -16.77
CA MET A 333 4.09 -20.89 -15.33
C MET A 333 3.69 -19.48 -14.94
N SER A 334 3.89 -18.51 -15.83
CA SER A 334 3.51 -17.12 -15.53
C SER A 334 2.03 -17.00 -15.24
N LYS A 335 1.19 -17.69 -16.03
CA LYS A 335 -0.25 -17.69 -15.83
C LYS A 335 -0.65 -18.92 -15.02
N LEU A 336 -1.41 -18.68 -13.95
CA LEU A 336 -1.87 -19.74 -13.05
C LEU A 336 -2.92 -19.12 -12.15
N PRO A 337 -4.02 -19.81 -11.85
CA PRO A 337 -5.02 -19.22 -10.95
C PRO A 337 -4.42 -18.85 -9.61
N LEU A 338 -4.84 -17.68 -9.09
CA LEU A 338 -4.12 -17.03 -8.01
C LEU A 338 -4.12 -17.85 -6.72
N ALA A 339 -5.02 -18.82 -6.59
CA ALA A 339 -4.98 -19.71 -5.44
C ALA A 339 -4.02 -20.88 -5.67
N ALA A 340 -3.85 -21.29 -6.92
CA ALA A 340 -2.93 -22.40 -7.22
C ALA A 340 -1.49 -22.00 -6.92
N GLN A 341 -1.14 -20.73 -7.19
CA GLN A 341 0.20 -20.27 -6.84
C GLN A 341 0.46 -20.41 -5.35
N GLY A 342 -0.48 -19.95 -4.53
CA GLY A 342 -0.32 -20.08 -3.09
C GLY A 342 -0.25 -21.53 -2.64
N LYS A 343 -1.14 -22.37 -3.18
CA LYS A 343 -1.16 -23.78 -2.78
C LYS A 343 0.14 -24.48 -3.13
N LEU A 344 0.68 -24.19 -4.32
CA LEU A 344 2.00 -24.71 -4.67
C LEU A 344 3.07 -24.18 -3.73
N ILE A 345 3.00 -22.90 -3.37
CA ILE A 345 4.00 -22.30 -2.50
C ILE A 345 4.00 -22.93 -1.11
N ARG A 346 2.85 -23.44 -0.65
CA ARG A 346 2.84 -24.06 0.68
C ARG A 346 3.84 -25.22 0.75
N LEU A 347 3.90 -26.05 -0.29
CA LEU A 347 4.77 -27.22 -0.24
C LEU A 347 6.24 -26.84 -0.37
N TRP A 348 6.55 -25.82 -1.16
CA TRP A 348 7.92 -25.29 -1.16
C TRP A 348 8.31 -24.77 0.22
N SER A 349 7.40 -24.06 0.87
CA SER A 349 7.69 -23.53 2.20
C SER A 349 7.91 -24.65 3.21
N LYS A 350 7.07 -25.68 3.18
CA LYS A 350 7.20 -26.82 4.08
C LYS A 350 8.12 -27.86 3.44
N TYR A 351 9.41 -27.53 3.39
CA TYR A 351 10.39 -28.39 2.77
C TYR A 351 11.77 -27.99 3.27
N ASN A 352 12.76 -28.83 2.96
CA ASN A 352 14.12 -28.59 3.41
C ASN A 352 14.72 -27.38 2.70
N ALA A 353 15.72 -26.77 3.36
CA ALA A 353 16.31 -25.53 2.84
C ALA A 353 17.24 -25.79 1.67
N ASP A 354 17.91 -26.95 1.63
CA ASP A 354 18.94 -27.16 0.63
C ASP A 354 18.37 -27.20 -0.78
N GLN A 355 17.29 -27.96 -0.99
CA GLN A 355 16.77 -28.11 -2.35
C GLN A 355 16.02 -26.86 -2.81
N ILE A 356 15.32 -26.19 -1.89
CA ILE A 356 14.69 -24.93 -2.26
C ILE A 356 15.75 -23.90 -2.62
N ARG A 357 16.88 -23.91 -1.89
CA ARG A 357 18.00 -23.09 -2.29
C ARG A 357 18.46 -23.46 -3.68
N ARG A 358 18.63 -24.76 -3.95
CA ARG A 358 19.14 -25.21 -5.23
C ARG A 358 18.25 -24.73 -6.37
N MET A 359 16.93 -24.82 -6.20
CA MET A 359 16.07 -24.36 -7.29
C MET A 359 16.07 -22.83 -7.39
N MET A 360 16.29 -22.11 -6.29
CA MET A 360 16.37 -20.66 -6.47
C MET A 360 17.66 -20.27 -7.21
N GLU A 361 18.77 -20.98 -6.99
CA GLU A 361 19.90 -20.67 -7.88
C GLU A 361 19.67 -21.14 -9.30
N THR A 362 18.93 -22.23 -9.54
CA THR A 362 18.75 -22.59 -10.95
C THR A 362 17.90 -21.55 -11.68
N PHE A 363 16.85 -21.05 -11.01
CA PHE A 363 16.09 -19.94 -11.59
C PHE A 363 16.95 -18.69 -11.75
N GLN A 364 17.80 -18.40 -10.75
CA GLN A 364 18.63 -17.21 -10.82
C GLN A 364 19.66 -17.31 -11.95
N GLN A 365 20.23 -18.50 -12.17
CA GLN A 365 21.22 -18.63 -13.24
C GLN A 365 20.56 -18.66 -14.59
N LEU A 366 19.31 -19.11 -14.69
CA LEU A 366 18.53 -18.88 -15.90
C LEU A 366 18.35 -17.39 -16.17
N ILE A 367 17.97 -16.63 -15.13
CA ILE A 367 17.88 -15.17 -15.26
C ILE A 367 19.20 -14.58 -15.72
N THR A 368 20.29 -15.00 -15.10
CA THR A 368 21.62 -14.50 -15.45
C THR A 368 21.96 -14.84 -16.90
N TYR A 369 21.62 -16.05 -17.33
CA TYR A 369 21.90 -16.46 -18.70
C TYR A 369 21.18 -15.57 -19.70
N LYS A 370 19.90 -15.27 -19.46
CA LYS A 370 19.25 -14.38 -20.42
C LYS A 370 19.78 -12.96 -20.35
N VAL A 371 20.00 -12.42 -19.15
CA VAL A 371 20.41 -11.01 -19.07
C VAL A 371 21.80 -10.84 -19.66
N ILE A 372 22.67 -11.85 -19.54
CA ILE A 372 23.92 -11.83 -20.27
C ILE A 372 23.66 -11.92 -21.78
N SER A 373 22.75 -12.80 -22.18
CA SER A 373 22.46 -12.97 -23.60
C SER A 373 21.67 -11.78 -24.15
N ASN A 374 20.50 -11.51 -23.58
CA ASN A 374 19.64 -10.46 -24.09
C ASN A 374 20.20 -9.09 -23.80
N GLU A 375 19.88 -8.13 -24.67
CA GLU A 375 20.33 -6.75 -24.53
C GLU A 375 19.19 -5.89 -24.00
N PHE A 376 19.54 -4.93 -23.15
CA PHE A 376 18.57 -4.04 -22.53
C PHE A 376 18.99 -2.59 -22.76
N ASN A 377 18.05 -1.75 -23.18
CA ASN A 377 18.31 -0.33 -23.37
C ASN A 377 17.01 0.44 -23.11
N SER A 378 16.99 1.71 -23.52
CA SER A 378 15.80 2.52 -23.33
C SER A 378 14.63 2.00 -24.14
N ARG A 379 14.87 1.62 -25.40
CA ARG A 379 13.80 1.13 -26.26
C ARG A 379 13.39 -0.30 -25.93
N ASN A 380 14.23 -1.05 -25.23
CA ASN A 380 13.91 -2.42 -24.81
C ASN A 380 14.27 -2.54 -23.34
N LEU A 381 13.29 -2.34 -22.48
CA LEU A 381 13.51 -2.41 -21.04
C LEU A 381 13.72 -3.86 -20.62
N VAL A 382 13.83 -4.08 -19.31
CA VAL A 382 14.03 -5.42 -18.78
C VAL A 382 12.67 -6.04 -18.47
N ASN A 383 11.60 -5.39 -18.93
CA ASN A 383 10.25 -5.85 -18.69
C ASN A 383 9.49 -6.27 -19.95
N ASP A 384 9.86 -5.72 -21.11
CA ASP A 384 9.17 -6.05 -22.35
C ASP A 384 9.43 -7.49 -22.82
N ASP A 385 10.41 -8.17 -22.25
CA ASP A 385 10.64 -9.58 -22.54
C ASP A 385 9.84 -10.42 -21.56
N ASP A 386 9.02 -11.34 -22.11
CA ASP A 386 8.10 -12.09 -21.29
C ASP A 386 8.79 -13.20 -20.50
N ALA A 387 9.83 -13.80 -21.07
CA ALA A 387 10.51 -14.91 -20.39
C ALA A 387 11.16 -14.46 -19.10
N ILE A 388 11.85 -13.31 -19.12
CA ILE A 388 12.52 -12.84 -17.92
C ILE A 388 11.50 -12.43 -16.86
N VAL A 389 10.37 -11.84 -17.28
CA VAL A 389 9.32 -11.47 -16.34
C VAL A 389 8.73 -12.71 -15.69
N ALA A 390 8.48 -13.76 -16.48
CA ALA A 390 7.92 -14.99 -15.93
C ALA A 390 8.90 -15.67 -14.98
N ALA A 391 10.17 -15.70 -15.34
CA ALA A 391 11.19 -16.23 -14.44
C ALA A 391 11.25 -15.43 -13.15
N SER A 392 11.10 -14.11 -13.25
CA SER A 392 11.07 -13.26 -12.06
C SER A 392 9.86 -13.58 -11.19
N LYS A 393 8.70 -13.83 -11.80
CA LYS A 393 7.52 -14.17 -11.03
C LYS A 393 7.70 -15.50 -10.30
N CYS A 394 8.24 -16.50 -10.98
CA CYS A 394 8.46 -17.78 -10.31
C CYS A 394 9.52 -17.67 -9.22
N LEU A 395 10.56 -16.86 -9.46
CA LEU A 395 11.53 -16.58 -8.42
C LEU A 395 10.89 -15.85 -7.25
N LYS A 396 9.90 -14.99 -7.52
CA LYS A 396 9.13 -14.36 -6.46
C LYS A 396 8.36 -15.41 -5.64
N MET A 397 7.82 -16.41 -6.32
CA MET A 397 7.15 -17.51 -5.64
C MET A 397 8.12 -18.23 -4.70
N VAL A 398 9.33 -18.52 -5.20
CA VAL A 398 10.36 -19.15 -4.38
C VAL A 398 10.75 -18.24 -3.23
N TYR A 399 10.80 -16.92 -3.48
CA TYR A 399 11.05 -15.93 -2.44
C TYR A 399 10.05 -16.04 -1.31
N TYR A 400 8.76 -16.07 -1.65
CA TYR A 400 7.74 -16.16 -0.61
C TYR A 400 7.82 -17.49 0.12
N ALA A 401 8.15 -18.56 -0.60
CA ALA A 401 8.37 -19.84 0.06
C ALA A 401 9.50 -19.74 1.08
N ASN A 402 10.62 -19.12 0.69
CA ASN A 402 11.77 -19.03 1.57
C ASN A 402 11.47 -18.14 2.78
N VAL A 403 10.75 -17.03 2.57
CA VAL A 403 10.43 -16.18 3.70
C VAL A 403 9.46 -16.88 4.65
N VAL A 404 8.52 -17.66 4.12
CA VAL A 404 7.67 -18.47 5.00
C VAL A 404 8.51 -19.49 5.74
N GLY A 405 9.58 -19.98 5.12
CA GLY A 405 10.46 -20.91 5.82
C GLY A 405 11.08 -20.35 7.07
N GLY A 406 11.39 -19.05 7.08
CA GLY A 406 11.93 -18.42 8.25
C GLY A 406 10.88 -18.23 9.34
N GLU A 407 11.35 -17.81 10.51
CA GLU A 407 10.47 -17.61 11.68
C GLU A 407 9.83 -16.23 11.57
N VAL A 408 8.83 -16.14 10.71
CA VAL A 408 8.09 -14.89 10.52
C VAL A 408 7.26 -14.61 11.77
N ASP A 409 6.77 -13.38 11.90
CA ASP A 409 6.03 -12.99 13.08
C ASP A 409 5.07 -11.87 12.73
N THR A 410 3.93 -11.85 13.42
CA THR A 410 2.95 -10.78 13.27
C THR A 410 2.52 -10.18 14.60
N ASN A 411 2.55 -10.93 15.70
CA ASN A 411 2.27 -10.35 17.00
C ASN A 411 3.34 -9.34 17.41
N HIS A 412 4.57 -9.53 16.92
CA HIS A 412 5.66 -8.58 17.16
C HIS A 412 5.57 -7.45 16.13
N ASN A 413 4.48 -6.70 16.23
CA ASN A 413 4.23 -5.55 15.36
C ASN A 413 3.51 -4.51 16.21
N GLU A 414 4.23 -3.48 16.62
CA GLU A 414 3.65 -2.46 17.49
C GLU A 414 2.48 -1.76 16.81
N GLU A 415 1.35 -1.72 17.50
CA GLU A 415 0.16 -1.08 16.97
C GLU A 415 0.40 0.42 16.83
N ASP A 416 -0.21 1.01 15.79
CA ASP A 416 -0.04 2.43 15.54
C ASP A 416 -0.83 3.23 16.57
N ASP A 417 -0.17 3.63 17.66
CA ASP A 417 -0.79 4.43 18.71
C ASP A 417 -0.79 5.91 18.30
N GLU A 418 -1.38 6.16 17.13
CA GLU A 418 -1.36 7.49 16.55
C GLU A 418 -2.32 8.41 17.30
N GLU A 419 -1.85 9.60 17.63
CA GLU A 419 -2.69 10.64 18.21
C GLU A 419 -3.57 11.24 17.10
N PRO A 420 -4.59 12.02 17.48
CA PRO A 420 -5.42 12.66 16.45
C PRO A 420 -4.64 13.69 15.65
N ILE A 421 -3.83 13.20 14.71
CA ILE A 421 -2.97 14.05 13.88
C ILE A 421 -3.82 15.08 13.16
N PRO A 422 -3.39 16.36 13.08
CA PRO A 422 -4.17 17.36 12.36
C PRO A 422 -4.42 16.94 10.92
N GLU A 423 -5.67 16.62 10.61
CA GLU A 423 -6.02 16.12 9.30
C GLU A 423 -6.04 17.25 8.27
N SER A 424 -5.98 16.86 7.01
CA SER A 424 -6.14 17.78 5.89
C SER A 424 -7.54 17.64 5.33
N SER A 425 -8.28 18.75 5.30
CA SER A 425 -9.71 18.69 5.02
C SER A 425 -10.04 18.06 3.68
N GLU A 426 -9.04 17.83 2.83
CA GLU A 426 -9.29 17.19 1.55
C GLU A 426 -9.41 15.68 1.67
N LEU A 427 -9.13 15.12 2.85
CA LEU A 427 -9.34 13.70 3.08
C LEU A 427 -10.77 13.38 3.51
N THR A 428 -11.33 14.16 4.44
CA THR A 428 -12.71 13.98 4.84
C THR A 428 -13.69 14.78 3.99
N LEU A 429 -13.17 15.64 3.10
CA LEU A 429 -14.03 16.18 2.06
C LEU A 429 -14.69 15.06 1.26
N GLN A 430 -13.93 13.98 0.99
CA GLN A 430 -14.50 12.84 0.29
C GLN A 430 -15.69 12.26 1.04
N GLU A 431 -15.54 12.10 2.36
CA GLU A 431 -16.67 11.70 3.19
C GLU A 431 -17.80 12.71 3.09
N LEU A 432 -17.48 13.98 2.81
CA LEU A 432 -18.52 14.95 2.45
C LEU A 432 -19.03 14.72 1.03
N LEU A 433 -18.16 14.31 0.11
CA LEU A 433 -18.61 13.98 -1.25
C LEU A 433 -19.62 12.83 -1.29
N GLY A 434 -19.68 12.00 -0.24
CA GLY A 434 -20.74 11.02 -0.21
C GLY A 434 -20.31 9.61 0.14
N GLU A 435 -19.01 9.36 0.17
CA GLU A 435 -18.51 8.04 0.49
C GLU A 435 -18.53 7.84 2.01
N GLU A 436 -17.99 6.72 2.45
CA GLU A 436 -17.86 6.40 3.86
C GLU A 436 -16.38 6.58 4.23
N ARG A 437 -16.01 6.20 5.46
CA ARG A 437 -14.62 6.28 5.88
C ARG A 437 -13.80 5.35 4.99
N ARG A 438 -13.09 5.95 4.03
CA ARG A 438 -12.46 5.16 2.98
C ARG A 438 -11.29 4.35 3.52
N ASN A 439 -11.19 3.11 3.07
CA ASN A 439 -9.95 2.35 3.16
C ASN A 439 -9.00 2.96 2.15
N LYS A 440 -8.16 3.89 2.60
CA LYS A 440 -7.50 4.83 1.70
C LYS A 440 -6.68 4.09 0.65
N LYS A 441 -6.81 4.54 -0.61
CA LYS A 441 -5.98 4.01 -1.70
C LYS A 441 -4.60 4.64 -1.64
N GLY A 442 -3.95 4.42 -0.51
CA GLY A 442 -2.59 4.87 -0.27
C GLY A 442 -1.63 3.71 -0.34
N PRO A 443 -1.25 3.18 0.82
CA PRO A 443 -0.35 2.02 0.85
C PRO A 443 -0.98 0.81 0.18
N ARG A 444 -0.28 0.24 -0.79
CA ARG A 444 -0.73 -0.93 -1.51
C ARG A 444 0.02 -2.17 -1.02
N VAL A 445 -0.61 -3.32 -1.21
CA VAL A 445 -0.10 -4.59 -0.69
C VAL A 445 -0.10 -5.62 -1.82
N ASP A 446 0.87 -6.52 -1.79
CA ASP A 446 0.91 -7.61 -2.77
C ASP A 446 -0.25 -8.56 -2.54
N PRO A 447 -0.94 -8.98 -3.62
CA PRO A 447 -2.08 -9.89 -3.43
C PRO A 447 -1.70 -11.20 -2.76
N LEU A 448 -0.51 -11.74 -3.08
CA LEU A 448 -0.09 -12.99 -2.46
C LEU A 448 0.23 -12.78 -0.98
N GLU A 449 0.68 -11.58 -0.61
CA GLU A 449 0.86 -11.24 0.80
C GLU A 449 -0.47 -11.34 1.54
N THR A 450 -1.55 -10.87 0.91
CA THR A 450 -2.88 -11.03 1.50
C THR A 450 -3.27 -12.50 1.56
N GLU A 451 -2.95 -13.26 0.52
CA GLU A 451 -3.32 -14.68 0.48
C GLU A 451 -2.69 -15.44 1.63
N LEU A 452 -1.37 -15.34 1.78
CA LEU A 452 -0.67 -16.04 2.85
C LEU A 452 -0.75 -15.32 4.20
N GLY A 453 -1.19 -14.07 4.22
CA GLY A 453 -1.06 -13.28 5.43
C GLY A 453 0.37 -13.08 5.84
N VAL A 454 1.28 -13.00 4.88
CA VAL A 454 2.72 -12.89 5.12
C VAL A 454 3.22 -11.63 4.43
N LYS A 455 3.83 -10.73 5.19
CA LYS A 455 4.40 -9.50 4.68
C LYS A 455 5.92 -9.60 4.73
N THR A 456 6.59 -8.90 3.80
CA THR A 456 8.04 -8.90 3.78
C THR A 456 8.63 -8.47 5.12
N LEU A 457 7.97 -7.53 5.80
CA LEU A 457 8.43 -7.07 7.10
C LEU A 457 8.33 -8.17 8.16
N ASP A 458 7.48 -9.17 7.96
CA ASP A 458 7.23 -10.17 9.02
C ASP A 458 8.43 -11.06 9.29
N CYS A 459 9.40 -11.12 8.36
CA CYS A 459 10.53 -12.02 8.53
C CYS A 459 11.43 -11.55 9.68
N ARG A 460 11.96 -12.52 10.42
CA ARG A 460 12.90 -12.25 11.50
C ARG A 460 14.26 -12.88 11.24
N LYS A 461 14.32 -14.18 10.99
CA LYS A 461 15.57 -14.88 10.67
C LYS A 461 15.28 -15.88 9.56
N PRO A 462 15.73 -15.60 8.34
CA PRO A 462 15.43 -16.48 7.21
C PRO A 462 16.35 -17.69 7.17
N LEU A 463 15.94 -18.67 6.37
CA LEU A 463 16.80 -19.82 6.11
C LEU A 463 18.06 -19.41 5.35
N ILE A 464 17.92 -18.53 4.38
CA ILE A 464 19.05 -18.03 3.59
C ILE A 464 19.03 -16.50 3.63
N PRO A 465 20.18 -15.84 3.54
CA PRO A 465 20.19 -14.37 3.58
C PRO A 465 19.45 -13.78 2.39
N PHE A 466 18.65 -12.75 2.65
CA PHE A 466 17.83 -12.13 1.60
C PHE A 466 18.68 -11.49 0.52
N GLU A 467 19.94 -11.15 0.82
CA GLU A 467 20.83 -10.61 -0.19
C GLU A 467 21.08 -11.58 -1.32
N GLU A 468 20.87 -12.88 -1.09
CA GLU A 468 21.14 -13.88 -2.12
C GLU A 468 20.22 -13.70 -3.32
N PHE A 469 18.95 -13.34 -3.09
CA PHE A 469 17.99 -13.20 -4.18
C PHE A 469 18.33 -12.06 -5.13
N ILE A 470 19.23 -11.17 -4.74
CA ILE A 470 19.56 -9.99 -5.55
C ILE A 470 20.26 -10.47 -6.83
N ASN A 471 19.58 -10.35 -7.97
CA ASN A 471 20.14 -10.72 -9.25
C ASN A 471 20.93 -9.53 -9.79
N GLU A 472 22.21 -9.47 -9.42
CA GLU A 472 23.05 -8.34 -9.81
C GLU A 472 23.13 -8.13 -11.32
N PRO A 473 23.35 -9.17 -12.15
CA PRO A 473 23.42 -8.91 -13.60
C PRO A 473 22.19 -8.21 -14.15
N LEU A 474 21.00 -8.55 -13.66
CA LEU A 474 19.81 -7.77 -13.99
C LEU A 474 19.74 -6.47 -13.20
N ASN A 475 20.17 -6.50 -11.94
CA ASN A 475 19.94 -5.36 -11.05
C ASN A 475 20.67 -4.12 -11.55
N GLU A 476 21.92 -4.27 -11.98
CA GLU A 476 22.70 -3.15 -12.49
C GLU A 476 22.51 -2.92 -13.99
N VAL A 477 21.43 -3.41 -14.58
CA VAL A 477 21.07 -3.05 -15.94
C VAL A 477 19.62 -2.58 -15.96
N LEU A 478 19.08 -2.25 -14.79
CA LEU A 478 17.69 -1.85 -14.65
C LEU A 478 17.59 -0.34 -14.49
N GLU A 479 16.60 0.24 -15.17
CA GLU A 479 16.30 1.67 -15.06
C GLU A 479 14.98 1.85 -14.33
N MET A 480 14.95 2.79 -13.39
CA MET A 480 13.77 3.01 -12.56
C MET A 480 13.10 4.35 -12.81
N ASP A 481 13.72 5.25 -13.58
CA ASP A 481 13.11 6.56 -13.83
C ASP A 481 11.76 6.43 -14.51
N LYS A 482 11.64 5.52 -15.49
CA LYS A 482 10.37 5.22 -16.11
C LYS A 482 9.69 3.98 -15.54
N ASP A 483 10.44 3.14 -14.83
CA ASP A 483 9.81 2.05 -14.09
C ASP A 483 8.84 2.60 -13.05
N TYR A 484 9.17 3.74 -12.45
CA TYR A 484 8.24 4.35 -11.49
C TYR A 484 6.92 4.73 -12.17
N THR A 485 6.99 5.26 -13.39
CA THR A 485 5.77 5.54 -14.14
C THR A 485 5.02 4.26 -14.46
N PHE A 486 5.74 3.21 -14.86
CA PHE A 486 5.10 1.92 -15.11
C PHE A 486 4.44 1.36 -13.86
N PHE A 487 4.92 1.78 -12.68
CA PHE A 487 4.42 1.24 -11.43
C PHE A 487 3.22 2.01 -10.90
N LYS A 488 3.39 3.31 -10.65
CA LYS A 488 2.38 4.07 -9.92
C LYS A 488 1.06 4.12 -10.69
N VAL A 489 1.12 4.46 -11.98
CA VAL A 489 -0.08 4.46 -12.81
C VAL A 489 -0.67 3.06 -12.91
N GLU A 490 0.16 2.04 -12.69
CA GLU A 490 -0.26 0.64 -12.67
C GLU A 490 -0.82 0.23 -14.05
N THR A 491 0.03 0.33 -15.06
CA THR A 491 -0.27 -0.25 -16.36
C THR A 491 0.03 -1.74 -16.28
N GLU A 492 -0.99 -2.56 -16.52
CA GLU A 492 -0.95 -3.97 -16.15
C GLU A 492 -0.52 -4.89 -17.28
N ASN A 493 -0.09 -4.34 -18.41
CA ASN A 493 0.52 -5.15 -19.45
C ASN A 493 2.03 -5.31 -19.28
N LYS A 494 2.62 -4.58 -18.34
CA LYS A 494 4.03 -4.66 -18.01
C LYS A 494 4.18 -5.01 -16.53
N PHE A 495 5.39 -5.45 -16.16
CA PHE A 495 5.69 -5.80 -14.79
C PHE A 495 6.55 -4.72 -14.16
N SER A 496 6.15 -4.24 -12.99
CA SER A 496 6.92 -3.27 -12.23
C SER A 496 7.79 -4.03 -11.25
N PHE A 497 9.11 -4.02 -11.49
CA PHE A 497 10.02 -4.80 -10.66
C PHE A 497 10.07 -4.33 -9.22
N MET A 498 9.53 -3.14 -8.91
CA MET A 498 9.35 -2.75 -7.53
C MET A 498 8.35 -3.65 -6.81
N THR A 499 7.45 -4.30 -7.56
CA THR A 499 6.56 -5.29 -6.95
C THR A 499 7.36 -6.43 -6.33
N CYS A 500 8.57 -6.68 -6.84
CA CYS A 500 9.54 -7.55 -6.20
C CYS A 500 10.53 -6.67 -5.43
N PRO A 501 10.33 -6.47 -4.13
CA PRO A 501 11.23 -5.57 -3.39
C PRO A 501 12.52 -6.24 -3.00
N PHE A 502 12.84 -7.36 -3.64
CA PHE A 502 14.02 -8.15 -3.31
C PHE A 502 15.05 -8.21 -4.42
N ILE A 503 14.66 -7.98 -5.68
CA ILE A 503 15.58 -8.11 -6.80
C ILE A 503 16.34 -6.81 -7.09
N LEU A 504 16.17 -5.79 -6.27
CA LEU A 504 16.82 -4.50 -6.47
C LEU A 504 17.62 -4.12 -5.23
N ASN A 505 18.71 -3.39 -5.44
CA ASN A 505 19.63 -3.02 -4.38
C ASN A 505 19.38 -1.57 -3.94
N ALA A 506 20.29 -1.05 -3.12
CA ALA A 506 20.08 0.25 -2.48
C ALA A 506 19.98 1.38 -3.51
N VAL A 507 20.91 1.41 -4.47
CA VAL A 507 21.03 2.55 -5.35
C VAL A 507 19.76 2.74 -6.18
N THR A 508 19.23 1.65 -6.74
CA THR A 508 18.11 1.76 -7.66
C THR A 508 16.82 2.11 -6.93
N LYS A 509 16.58 1.49 -5.76
CA LYS A 509 15.43 1.86 -4.96
C LYS A 509 15.50 3.31 -4.50
N ASN A 510 16.70 3.77 -4.12
CA ASN A 510 16.86 5.16 -3.72
C ASN A 510 16.59 6.10 -4.89
N LEU A 511 17.02 5.70 -6.10
CA LEU A 511 16.69 6.48 -7.29
C LEU A 511 15.18 6.58 -7.46
N GLY A 512 14.47 5.47 -7.26
CA GLY A 512 13.02 5.51 -7.38
C GLY A 512 12.36 6.41 -6.35
N LEU A 513 12.85 6.36 -5.11
CA LEU A 513 12.30 7.22 -4.06
C LEU A 513 12.55 8.70 -4.37
N TYR A 514 13.77 9.03 -4.80
CA TYR A 514 14.06 10.39 -5.22
C TYR A 514 13.16 10.82 -6.38
N TYR A 515 12.88 9.91 -7.31
CA TYR A 515 12.00 10.26 -8.42
C TYR A 515 10.58 10.50 -7.93
N ASP A 516 10.15 9.75 -6.91
CA ASP A 516 8.86 10.02 -6.29
C ASP A 516 8.82 11.42 -5.69
N ASN A 517 9.89 11.81 -4.99
CA ASN A 517 9.94 13.16 -4.43
C ASN A 517 9.92 14.21 -5.53
N ARG A 518 10.64 13.95 -6.63
CA ARG A 518 10.68 14.90 -7.73
C ARG A 518 9.29 15.08 -8.36
N ILE A 519 8.58 13.98 -8.60
CA ILE A 519 7.24 14.11 -9.17
C ILE A 519 6.28 14.73 -8.16
N ARG A 520 6.51 14.50 -6.87
CA ARG A 520 5.72 15.17 -5.84
C ARG A 520 5.89 16.69 -5.93
N MET A 521 7.14 17.15 -6.01
CA MET A 521 7.40 18.58 -6.11
C MET A 521 6.82 19.16 -7.40
N TYR A 522 6.96 18.41 -8.50
CA TYR A 522 6.35 18.83 -9.76
C TYR A 522 4.84 19.04 -9.60
N SER A 523 4.16 18.06 -8.99
CA SER A 523 2.72 18.17 -8.80
C SER A 523 2.36 19.35 -7.89
N GLU A 524 3.14 19.55 -6.82
CA GLU A 524 2.84 20.64 -5.90
C GLU A 524 3.02 21.99 -6.59
N ARG A 525 4.06 22.16 -7.40
CA ARG A 525 4.22 23.40 -8.15
C ARG A 525 3.09 23.59 -9.16
N ARG A 526 2.70 22.51 -9.84
CA ARG A 526 1.61 22.58 -10.79
C ARG A 526 0.31 23.01 -10.12
N ILE A 527 0.07 22.53 -8.90
CA ILE A 527 -1.12 22.95 -8.17
C ILE A 527 -1.00 24.40 -7.71
N THR A 528 0.17 24.77 -7.16
CA THR A 528 0.30 26.07 -6.53
C THR A 528 0.37 27.22 -7.52
N VAL A 529 0.76 26.97 -8.77
CA VAL A 529 0.73 28.04 -9.76
C VAL A 529 -0.72 28.48 -10.00
N LEU A 530 -1.65 27.53 -10.15
CA LEU A 530 -3.05 27.89 -10.29
C LEU A 530 -3.65 28.36 -8.97
N TYR A 531 -3.13 27.85 -7.85
CA TYR A 531 -3.58 28.34 -6.54
C TYR A 531 -3.29 29.83 -6.38
N SER A 532 -2.10 30.27 -6.80
CA SER A 532 -1.78 31.69 -6.76
C SER A 532 -2.49 32.45 -7.86
N LEU A 533 -2.77 31.79 -8.99
CA LEU A 533 -3.51 32.44 -10.06
C LEU A 533 -4.92 32.81 -9.62
N VAL A 534 -5.59 31.92 -8.88
CA VAL A 534 -6.99 32.13 -8.53
C VAL A 534 -7.12 32.71 -7.12
N GLN A 535 -6.67 31.95 -6.12
CA GLN A 535 -6.81 32.40 -4.74
C GLN A 535 -5.90 33.58 -4.43
N GLY A 536 -4.79 33.70 -5.14
CA GLY A 536 -3.86 34.79 -4.91
C GLY A 536 -3.15 34.76 -3.56
N GLN A 537 -2.66 33.59 -3.16
CA GLN A 537 -1.90 33.43 -1.93
C GLN A 537 -0.45 33.12 -2.27
N GLN A 538 0.47 33.65 -1.46
CA GLN A 538 1.90 33.49 -1.71
C GLN A 538 2.45 32.31 -0.93
N LEU A 539 3.15 31.43 -1.63
CA LEU A 539 3.81 30.28 -1.02
C LEU A 539 5.24 30.18 -1.55
N ASN A 540 6.16 29.77 -0.68
CA ASN A 540 7.56 29.67 -1.06
C ASN A 540 7.89 28.22 -1.35
N PRO A 541 8.12 27.83 -2.61
CA PRO A 541 8.47 26.43 -2.90
C PRO A 541 9.75 25.98 -2.24
N TYR A 542 10.73 26.87 -2.08
CA TYR A 542 11.96 26.53 -1.39
C TYR A 542 11.76 26.56 0.12
N LEU A 543 12.27 25.54 0.80
CA LEU A 543 12.17 25.46 2.26
C LEU A 543 13.31 26.25 2.88
N ARG A 544 13.22 27.57 2.73
CA ARG A 544 14.27 28.47 3.19
C ARG A 544 14.17 28.60 4.71
N LEU A 545 14.85 27.69 5.41
CA LEU A 545 14.93 27.75 6.87
C LEU A 545 16.08 28.69 7.24
N LYS A 546 15.82 29.98 7.09
CA LYS A 546 16.82 31.00 7.38
C LYS A 546 16.89 31.20 8.89
N VAL A 547 18.03 30.86 9.48
CA VAL A 547 18.20 30.85 10.92
C VAL A 547 19.44 31.67 11.27
N ARG A 548 19.70 31.78 12.57
CA ARG A 548 20.86 32.52 13.08
C ARG A 548 22.09 31.61 13.05
N ARG A 549 23.15 32.01 13.76
CA ARG A 549 24.36 31.21 13.85
C ARG A 549 24.48 30.46 15.17
N ASP A 550 23.69 30.83 16.17
CA ASP A 550 23.70 30.12 17.45
C ASP A 550 22.31 29.74 17.94
N HIS A 551 21.25 30.41 17.48
CA HIS A 551 19.87 30.05 17.82
C HIS A 551 19.25 29.16 16.76
N ILE A 552 20.07 28.32 16.11
CA ILE A 552 19.60 27.55 14.95
C ILE A 552 18.49 26.59 15.35
N ILE A 553 18.66 25.89 16.46
CA ILE A 553 17.68 24.89 16.87
C ILE A 553 16.32 25.55 17.11
N ASP A 554 16.29 26.62 17.90
CA ASP A 554 15.01 27.23 18.26
C ASP A 554 14.39 27.96 17.07
N ASP A 555 15.22 28.55 16.20
CA ASP A 555 14.67 29.15 14.99
C ASP A 555 14.05 28.09 14.10
N ALA A 556 14.68 26.92 13.98
CA ALA A 556 14.10 25.82 13.24
C ALA A 556 12.78 25.37 13.86
N LEU A 557 12.74 25.27 15.20
CA LEU A 557 11.49 24.94 15.88
C LEU A 557 10.39 25.93 15.52
N VAL A 558 10.69 27.23 15.56
CA VAL A 558 9.64 28.22 15.37
C VAL A 558 9.30 28.47 13.91
N ARG A 559 10.08 27.94 12.97
CA ARG A 559 9.76 28.12 11.55
C ARG A 559 9.27 26.84 10.88
N LEU A 560 10.01 25.74 11.00
CA LEU A 560 9.67 24.53 10.25
C LEU A 560 8.36 23.91 10.73
N GLU A 561 8.13 23.86 12.05
CA GLU A 561 6.88 23.30 12.54
C GLU A 561 5.69 24.15 12.10
N MET A 562 5.87 25.48 12.07
CA MET A 562 4.82 26.35 11.57
C MET A 562 4.54 26.11 10.10
N ILE A 563 5.59 25.97 9.29
CA ILE A 563 5.38 25.73 7.86
C ILE A 563 4.88 24.30 7.60
N ALA A 564 5.01 23.41 8.58
CA ALA A 564 4.56 22.03 8.42
C ALA A 564 3.13 21.82 8.89
N MET A 565 2.69 22.55 9.92
CA MET A 565 1.30 22.45 10.35
C MET A 565 0.36 22.90 9.25
N GLU A 566 0.73 23.97 8.53
CA GLU A 566 -0.06 24.41 7.38
C GLU A 566 -0.05 23.36 6.27
N ASN A 567 1.10 22.74 6.01
CA ASN A 567 1.25 21.78 4.93
C ASN A 567 2.38 20.83 5.28
N PRO A 568 2.07 19.61 5.74
CA PRO A 568 3.13 18.65 6.05
C PRO A 568 3.97 18.25 4.83
N ALA A 569 3.44 18.41 3.62
CA ALA A 569 4.22 18.15 2.42
C ALA A 569 5.34 19.16 2.20
N ASP A 570 5.32 20.28 2.93
CA ASP A 570 6.41 21.25 2.81
C ASP A 570 7.71 20.69 3.36
N LEU A 571 7.64 19.82 4.38
CA LEU A 571 8.85 19.20 4.91
C LEU A 571 9.54 18.36 3.86
N LYS A 572 8.77 17.67 3.02
CA LYS A 572 9.32 16.82 1.98
C LYS A 572 10.06 17.61 0.91
N LYS A 573 9.93 18.94 0.90
CA LYS A 573 10.43 19.76 -0.19
C LYS A 573 11.96 19.85 -0.16
N GLN A 574 12.51 20.69 -1.03
CA GLN A 574 13.92 21.01 -1.05
C GLN A 574 14.17 22.27 -0.24
N LEU A 575 15.22 22.26 0.56
CA LEU A 575 15.54 23.36 1.44
C LEU A 575 16.67 24.20 0.85
N TYR A 576 16.48 25.52 0.90
CA TYR A 576 17.45 26.49 0.40
C TYR A 576 17.90 27.33 1.60
N VAL A 577 18.93 26.83 2.30
CA VAL A 577 19.35 27.47 3.54
C VAL A 577 20.10 28.75 3.24
N GLU A 578 19.71 29.83 3.91
CA GLU A 578 20.35 31.14 3.76
C GLU A 578 20.54 31.73 5.15
N PHE A 579 21.77 31.71 5.64
CA PHE A 579 22.08 32.24 6.96
C PHE A 579 22.10 33.77 6.92
N GLU A 580 22.48 34.37 8.04
CA GLU A 580 22.65 35.82 8.15
C GLU A 580 24.13 36.12 8.26
N GLY A 581 24.61 37.05 7.42
CA GLY A 581 26.02 37.41 7.37
C GLY A 581 26.74 36.93 6.13
N GLU A 582 26.19 35.93 5.43
CA GLU A 582 26.75 35.46 4.18
C GLU A 582 25.64 35.27 3.16
N GLN A 583 25.97 35.46 1.89
CA GLN A 583 25.00 35.36 0.81
C GLN A 583 25.63 34.63 -0.37
N GLY A 584 24.78 34.07 -1.21
CA GLY A 584 25.20 33.34 -2.38
C GLY A 584 24.26 32.20 -2.68
N VAL A 585 24.39 31.66 -3.90
CA VAL A 585 23.56 30.53 -4.31
C VAL A 585 24.01 29.29 -3.55
N ASP A 586 23.12 28.73 -2.74
CA ASP A 586 23.43 27.57 -1.92
C ASP A 586 23.22 26.31 -2.76
N GLU A 587 24.32 25.69 -3.18
CA GLU A 587 24.28 24.45 -3.94
C GLU A 587 24.35 23.22 -3.05
N GLY A 588 24.49 23.39 -1.74
CA GLY A 588 24.53 22.26 -0.84
C GLY A 588 25.56 22.38 0.27
N GLY A 589 26.61 23.17 0.03
CA GLY A 589 27.65 23.32 1.03
C GLY A 589 27.15 23.94 2.31
N VAL A 590 26.41 25.04 2.19
CA VAL A 590 25.79 25.65 3.36
C VAL A 590 24.77 24.70 3.98
N SER A 591 23.99 24.02 3.12
CA SER A 591 23.05 23.03 3.64
C SER A 591 23.77 21.89 4.34
N LYS A 592 24.87 21.40 3.75
CA LYS A 592 25.60 20.30 4.36
C LYS A 592 26.18 20.69 5.71
N GLU A 593 26.78 21.88 5.81
CA GLU A 593 27.32 22.32 7.09
C GLU A 593 26.20 22.55 8.11
N PHE A 594 25.05 23.06 7.65
CA PHE A 594 23.89 23.18 8.52
C PHE A 594 23.51 21.81 9.10
N PHE A 595 23.38 20.81 8.23
CA PHE A 595 23.01 19.47 8.68
C PHE A 595 24.03 18.93 9.68
N GLN A 596 25.32 19.05 9.36
CA GLN A 596 26.33 18.43 10.21
C GLN A 596 26.44 19.13 11.55
N LEU A 597 26.32 20.46 11.57
CA LEU A 597 26.37 21.15 12.85
C LEU A 597 25.14 20.81 13.69
N VAL A 598 23.97 20.70 13.05
CA VAL A 598 22.77 20.30 13.78
C VAL A 598 22.98 18.94 14.43
N VAL A 599 23.46 17.97 13.66
CA VAL A 599 23.65 16.63 14.20
C VAL A 599 24.69 16.63 15.31
N GLU A 600 25.82 17.32 15.10
CA GLU A 600 26.91 17.30 16.07
C GLU A 600 26.52 17.99 17.37
N GLU A 601 25.86 19.15 17.29
CA GLU A 601 25.38 19.79 18.51
C GLU A 601 24.33 18.94 19.21
N ILE A 602 23.46 18.28 18.44
CA ILE A 602 22.58 17.28 19.04
C ILE A 602 23.37 16.08 19.52
N PHE A 603 24.40 15.68 18.77
CA PHE A 603 25.32 14.67 19.28
C PHE A 603 26.09 15.19 20.49
N ASN A 604 26.32 16.50 20.57
CA ASN A 604 26.99 17.09 21.71
C ASN A 604 26.11 16.98 22.94
N PRO A 605 26.59 16.43 24.05
CA PRO A 605 25.72 16.27 25.24
C PRO A 605 25.46 17.58 25.95
N ASP A 606 25.12 18.62 25.21
CA ASP A 606 24.66 19.88 25.77
C ASP A 606 23.14 19.96 25.83
N ILE A 607 22.45 18.97 25.27
CA ILE A 607 20.99 18.91 25.34
C ILE A 607 20.50 17.71 26.13
N GLY A 608 21.30 16.65 26.28
CA GLY A 608 20.92 15.51 27.08
C GLY A 608 19.92 14.58 26.43
N MET A 609 19.70 14.69 25.13
CA MET A 609 18.71 13.90 24.43
C MET A 609 19.30 12.84 23.50
N PHE A 610 20.58 12.95 23.16
CA PHE A 610 21.27 11.94 22.36
C PHE A 610 22.39 11.33 23.19
N THR A 611 22.37 10.01 23.34
CA THR A 611 23.35 9.30 24.14
C THR A 611 24.25 8.44 23.27
N TYR A 612 25.43 8.11 23.80
CA TYR A 612 26.45 7.36 23.08
C TYR A 612 26.88 6.16 23.90
N ASP A 613 27.18 5.05 23.21
CA ASP A 613 27.70 3.85 23.83
C ASP A 613 28.95 3.40 23.10
N GLU A 614 29.98 3.01 23.86
CA GLU A 614 31.25 2.60 23.30
C GLU A 614 31.28 1.15 22.86
N SER A 615 30.32 0.33 23.29
CA SER A 615 30.33 -1.08 22.93
C SER A 615 30.17 -1.28 21.43
N THR A 616 29.27 -0.52 20.81
CA THR A 616 29.01 -0.65 19.38
C THR A 616 29.14 0.65 18.61
N LYS A 617 29.47 1.76 19.28
CA LYS A 617 29.62 3.07 18.66
C LYS A 617 28.34 3.47 17.91
N LEU A 618 27.25 3.58 18.66
CA LEU A 618 25.95 3.94 18.13
C LEU A 618 25.31 5.01 19.01
N PHE A 619 24.53 5.87 18.37
CA PHE A 619 23.90 7.01 19.04
C PHE A 619 22.41 6.73 19.22
N TRP A 620 21.96 6.80 20.47
CA TRP A 620 20.59 6.45 20.84
C TRP A 620 19.94 7.65 21.53
N PHE A 621 18.62 7.56 21.71
CA PHE A 621 17.88 8.59 22.42
C PHE A 621 18.02 8.42 23.92
N ASN A 622 17.60 9.44 24.66
CA ASN A 622 17.65 9.38 26.11
C ASN A 622 16.54 8.46 26.63
N PRO A 623 16.87 7.40 27.38
CA PRO A 623 15.84 6.41 27.74
C PRO A 623 14.67 6.97 28.53
N SER A 624 14.92 7.88 29.47
CA SER A 624 13.87 8.37 30.37
C SER A 624 13.95 9.89 30.52
N SER A 625 14.13 10.58 29.39
CA SER A 625 14.25 12.03 29.43
C SER A 625 12.89 12.67 29.69
N PHE A 626 12.90 13.99 29.82
CA PHE A 626 11.70 14.80 30.01
C PHE A 626 11.72 15.95 29.01
N GLU A 627 11.98 15.62 27.75
CA GLU A 627 12.21 16.60 26.70
C GLU A 627 10.91 17.36 26.39
N THR A 628 11.02 18.29 25.46
CA THR A 628 9.87 18.90 24.82
C THR A 628 9.72 18.29 23.44
N GLU A 629 8.47 18.03 23.04
CA GLU A 629 8.20 17.29 21.81
C GLU A 629 8.76 17.98 20.59
N GLY A 630 9.03 19.29 20.67
CA GLY A 630 9.66 19.97 19.55
C GLY A 630 11.10 19.58 19.35
N GLN A 631 11.79 19.17 20.42
CA GLN A 631 13.19 18.80 20.30
C GLN A 631 13.37 17.62 19.35
N PHE A 632 12.50 16.61 19.46
CA PHE A 632 12.52 15.46 18.55
C PHE A 632 11.59 15.68 17.37
N THR A 633 11.73 16.82 16.69
CA THR A 633 10.97 17.02 15.47
C THR A 633 11.91 17.54 14.39
N LEU A 634 12.93 18.29 14.79
CA LEU A 634 13.95 18.71 13.84
C LEU A 634 14.87 17.56 13.46
N ILE A 635 15.14 16.64 14.39
CA ILE A 635 15.82 15.40 14.00
C ILE A 635 15.03 14.69 12.91
N GLY A 636 13.70 14.57 13.10
CA GLY A 636 12.89 13.89 12.10
C GLY A 636 12.89 14.61 10.76
N ILE A 637 12.68 15.92 10.78
CA ILE A 637 12.60 16.66 9.53
C ILE A 637 13.96 16.67 8.83
N VAL A 638 15.04 16.86 9.57
CA VAL A 638 16.37 16.84 9.00
C VAL A 638 16.69 15.47 8.42
N LEU A 639 16.26 14.41 9.11
CA LEU A 639 16.47 13.05 8.62
C LEU A 639 15.72 12.83 7.31
N GLY A 640 14.46 13.28 7.25
CA GLY A 640 13.70 13.18 6.02
C GLY A 640 14.34 13.96 4.87
N LEU A 641 14.85 15.16 5.17
CA LEU A 641 15.56 15.93 4.16
C LEU A 641 16.81 15.20 3.70
N ALA A 642 17.59 14.65 4.63
CA ALA A 642 18.79 13.92 4.25
C ALA A 642 18.45 12.74 3.35
N ILE A 643 17.36 12.04 3.66
CA ILE A 643 16.87 11.00 2.76
C ILE A 643 16.46 11.59 1.42
N TYR A 644 16.03 12.85 1.42
CA TYR A 644 15.55 13.50 0.21
C TYR A 644 16.51 14.53 -0.38
N ASN A 645 17.56 14.90 0.34
CA ASN A 645 18.56 15.83 -0.18
C ASN A 645 19.77 15.12 -0.79
N ASN A 646 19.78 13.79 -0.77
CA ASN A 646 20.88 13.00 -1.32
C ASN A 646 22.21 13.35 -0.65
N CYS A 647 22.15 13.65 0.64
CA CYS A 647 23.31 14.09 1.40
C CYS A 647 23.55 13.14 2.56
N ILE A 648 24.82 12.79 2.77
CA ILE A 648 25.20 11.93 3.89
C ILE A 648 24.98 12.68 5.19
N LEU A 649 24.32 12.03 6.13
CA LEU A 649 24.07 12.60 7.46
C LEU A 649 24.83 11.75 8.46
N ASP A 650 25.96 12.27 8.95
CA ASP A 650 26.80 11.54 9.89
C ASP A 650 26.00 11.17 11.14
N VAL A 651 25.72 9.88 11.31
CA VAL A 651 24.90 9.42 12.42
C VAL A 651 25.16 7.93 12.61
N HIS A 652 24.93 7.45 13.82
CA HIS A 652 25.20 6.07 14.18
C HIS A 652 23.92 5.36 14.63
N PHE A 653 22.84 5.55 13.88
CA PHE A 653 21.56 4.95 14.23
C PHE A 653 21.59 3.45 13.98
N PRO A 654 21.31 2.61 14.98
CA PRO A 654 21.27 1.16 14.75
C PRO A 654 20.07 0.75 13.91
N MET A 655 19.91 -0.57 13.69
CA MET A 655 18.78 -1.06 12.92
C MET A 655 17.45 -0.84 13.60
N VAL A 656 17.41 -0.74 14.93
CA VAL A 656 16.15 -0.57 15.63
C VAL A 656 15.46 0.71 15.20
N VAL A 657 16.23 1.80 15.01
CA VAL A 657 15.63 3.05 14.58
C VAL A 657 15.00 2.89 13.20
N TYR A 658 15.75 2.34 12.25
CA TYR A 658 15.24 2.17 10.90
C TYR A 658 14.16 1.10 10.80
N ARG A 659 13.97 0.31 11.85
CA ARG A 659 12.96 -0.75 11.87
C ARG A 659 11.66 -0.27 12.49
N LYS A 660 11.71 0.17 13.75
CA LYS A 660 10.51 0.72 14.39
C LYS A 660 10.10 2.04 13.77
N LEU A 661 10.96 2.66 12.97
CA LEU A 661 10.57 3.80 12.16
C LEU A 661 9.86 3.37 10.90
N MET A 662 9.86 2.07 10.59
CA MET A 662 9.15 1.50 9.46
C MET A 662 7.78 0.94 9.83
N GLY A 663 7.52 0.69 11.10
CA GLY A 663 6.28 0.09 11.51
C GLY A 663 6.48 -1.26 12.19
N LYS A 664 7.62 -1.43 12.85
CA LYS A 664 7.96 -2.67 13.52
C LYS A 664 8.28 -2.40 14.99
N LYS A 665 8.76 -3.43 15.68
CA LYS A 665 8.98 -3.38 17.11
C LYS A 665 10.44 -3.56 17.50
N GLY A 666 11.11 -4.57 16.97
CA GLY A 666 12.41 -4.97 17.45
C GLY A 666 12.33 -6.35 18.07
N THR A 667 13.37 -7.15 17.93
CA THR A 667 13.29 -8.55 18.35
C THR A 667 14.69 -8.98 18.81
N PHE A 668 14.91 -10.29 18.89
CA PHE A 668 16.15 -10.85 19.41
C PHE A 668 17.38 -10.18 18.79
N ARG A 669 17.46 -10.22 17.46
CA ARG A 669 18.63 -9.65 16.77
C ARG A 669 18.66 -8.13 16.88
N ASP A 670 17.50 -7.48 16.92
CA ASP A 670 17.45 -6.03 17.10
C ASP A 670 17.92 -5.65 18.49
N LEU A 671 17.58 -6.46 19.50
CA LEU A 671 18.14 -6.27 20.83
C LEU A 671 19.65 -6.47 20.81
N GLY A 672 20.13 -7.45 20.05
CA GLY A 672 21.55 -7.71 19.98
C GLY A 672 22.31 -6.76 19.09
N ASP A 673 21.90 -5.49 19.10
CA ASP A 673 22.60 -4.43 18.37
C ASP A 673 23.24 -3.38 19.27
N SER A 674 22.63 -3.09 20.42
CA SER A 674 23.19 -2.14 21.39
C SER A 674 23.85 -2.86 22.56
N HIS A 675 23.10 -3.72 23.25
CA HIS A 675 23.61 -4.46 24.40
C HIS A 675 23.30 -5.94 24.22
N PRO A 676 24.08 -6.63 23.39
CA PRO A 676 23.87 -8.09 23.24
C PRO A 676 24.25 -8.91 24.46
N VAL A 677 24.87 -8.29 25.48
CA VAL A 677 25.27 -9.05 26.67
C VAL A 677 24.04 -9.54 27.43
N LEU A 678 23.03 -8.68 27.58
CA LEU A 678 21.78 -9.10 28.22
C LEU A 678 21.08 -10.17 27.38
N TYR A 679 21.13 -10.00 26.05
CA TYR A 679 20.66 -11.01 25.12
C TYR A 679 21.30 -12.38 25.40
N GLN A 680 22.62 -12.42 25.52
CA GLN A 680 23.30 -13.68 25.74
C GLN A 680 23.01 -14.25 27.12
N SER A 681 22.88 -13.36 28.12
CA SER A 681 22.55 -13.82 29.46
C SER A 681 21.19 -14.51 29.50
N LEU A 682 20.19 -13.93 28.81
CA LEU A 682 18.88 -14.60 28.75
C LEU A 682 18.90 -15.82 27.84
N LYS A 683 19.70 -15.81 26.78
CA LYS A 683 19.83 -17.00 25.96
C LYS A 683 20.42 -18.17 26.75
N ASP A 684 21.38 -17.89 27.64
CA ASP A 684 21.90 -18.92 28.52
C ASP A 684 20.83 -19.46 29.46
N LEU A 685 20.01 -18.58 30.03
CA LEU A 685 18.91 -19.03 30.90
C LEU A 685 17.82 -19.75 30.14
N LEU A 686 17.76 -19.58 28.81
CA LEU A 686 16.74 -20.27 28.03
C LEU A 686 16.86 -21.78 28.15
N GLU A 687 18.07 -22.32 28.06
CA GLU A 687 18.29 -23.75 28.21
C GLU A 687 18.55 -24.16 29.67
N TYR A 688 18.47 -23.22 30.61
CA TYR A 688 18.68 -23.53 32.01
C TYR A 688 17.52 -24.39 32.51
N GLU A 689 17.80 -25.66 32.79
CA GLU A 689 16.78 -26.58 33.28
C GLU A 689 16.73 -26.65 34.80
N GLY A 690 17.57 -25.89 35.50
CA GLY A 690 17.57 -25.88 36.94
C GLY A 690 16.55 -24.91 37.52
N ASN A 691 16.57 -24.79 38.84
CA ASN A 691 15.64 -23.92 39.56
C ASN A 691 16.27 -22.55 39.72
N VAL A 692 15.65 -21.54 39.10
CA VAL A 692 16.14 -20.17 39.24
C VAL A 692 15.92 -19.67 40.66
N GLU A 693 14.79 -20.03 41.27
CA GLU A 693 14.46 -19.57 42.61
C GLU A 693 15.48 -20.06 43.64
N ASP A 694 15.88 -21.33 43.53
CA ASP A 694 16.82 -21.91 44.49
C ASP A 694 18.27 -21.59 44.15
N ASP A 695 18.55 -20.94 43.04
CA ASP A 695 19.91 -20.62 42.63
C ASP A 695 20.25 -19.15 42.79
N MET A 696 19.36 -18.25 42.35
CA MET A 696 19.61 -16.82 42.45
C MET A 696 18.49 -16.02 43.08
N MET A 697 17.30 -16.61 43.27
CA MET A 697 16.13 -15.99 43.88
C MET A 697 15.95 -14.53 43.48
N ILE A 698 16.19 -14.23 42.20
CA ILE A 698 16.03 -12.88 41.68
C ILE A 698 14.56 -12.62 41.43
N THR A 699 14.10 -11.42 41.77
CA THR A 699 12.70 -11.06 41.59
C THR A 699 12.38 -10.89 40.12
N PHE A 700 11.10 -10.63 39.83
CA PHE A 700 10.66 -10.47 38.45
C PHE A 700 11.32 -9.27 37.79
N GLN A 701 11.41 -8.15 38.50
CA GLN A 701 12.08 -6.97 38.00
C GLN A 701 13.59 -7.14 38.05
N ILE A 702 14.28 -6.41 37.18
CA ILE A 702 15.74 -6.41 37.18
C ILE A 702 16.29 -5.00 37.37
N SER A 703 15.97 -4.07 36.47
CA SER A 703 16.43 -2.69 36.54
C SER A 703 15.78 -1.91 35.40
N GLN A 704 16.08 -0.61 35.37
CA GLN A 704 15.69 0.25 34.25
C GLN A 704 16.52 1.52 34.34
N THR A 705 17.22 1.85 33.26
CA THR A 705 18.11 3.00 33.26
C THR A 705 17.32 4.31 33.28
N ASP A 706 17.95 5.35 33.81
CA ASP A 706 17.35 6.67 33.87
C ASP A 706 18.44 7.70 33.62
N LEU A 707 18.10 8.98 33.83
CA LEU A 707 19.04 10.06 33.54
C LEU A 707 20.16 10.13 34.58
N PHE A 708 19.81 9.99 35.86
CA PHE A 708 20.77 10.13 36.94
C PHE A 708 21.38 8.81 37.38
N GLY A 709 21.01 7.69 36.75
CA GLY A 709 21.56 6.41 37.10
C GLY A 709 20.96 5.76 38.34
N ASN A 710 19.91 6.35 38.90
CA ASN A 710 19.30 5.79 40.10
C ASN A 710 18.54 4.51 39.77
N PRO A 711 18.76 3.43 40.51
CA PRO A 711 17.97 2.20 40.28
C PRO A 711 16.52 2.38 40.73
N MET A 712 15.72 3.07 39.92
CA MET A 712 14.37 3.42 40.30
C MET A 712 13.48 2.18 40.39
N MET A 713 12.43 2.30 41.19
CA MET A 713 11.45 1.23 41.33
C MET A 713 10.61 1.13 40.06
N TYR A 714 10.56 -0.07 39.48
CA TYR A 714 9.78 -0.28 38.26
C TYR A 714 9.40 -1.76 38.20
N ASP A 715 8.15 -2.06 38.54
CA ASP A 715 7.60 -3.40 38.49
C ASP A 715 6.65 -3.49 37.30
N LEU A 716 6.86 -4.51 36.45
CA LEU A 716 6.02 -4.66 35.27
C LEU A 716 4.56 -4.88 35.66
N LYS A 717 4.32 -5.78 36.62
CA LYS A 717 3.00 -6.07 37.17
C LYS A 717 3.01 -5.77 38.66
N GLU A 718 1.90 -6.08 39.32
CA GLU A 718 1.80 -5.86 40.75
C GLU A 718 2.71 -6.83 41.51
N ASN A 719 3.30 -6.33 42.59
CA ASN A 719 4.19 -7.10 43.45
C ASN A 719 5.30 -7.77 42.64
N GLY A 720 5.95 -6.97 41.79
CA GLY A 720 7.02 -7.49 40.96
C GLY A 720 8.19 -8.00 41.76
N ASP A 721 8.36 -7.51 42.98
CA ASP A 721 9.43 -7.97 43.86
C ASP A 721 8.97 -9.09 44.79
N LYS A 722 7.73 -9.55 44.68
CA LYS A 722 7.19 -10.59 45.54
C LYS A 722 6.77 -11.84 44.78
N ILE A 723 6.94 -11.88 43.46
CA ILE A 723 6.55 -13.02 42.64
C ILE A 723 7.83 -13.77 42.27
N PRO A 724 8.03 -14.99 42.75
CA PRO A 724 9.24 -15.73 42.42
C PRO A 724 9.22 -16.21 40.97
N ILE A 725 10.42 -16.45 40.45
CA ILE A 725 10.57 -16.95 39.08
C ILE A 725 10.20 -18.42 39.03
N THR A 726 9.35 -18.79 38.08
CA THR A 726 8.90 -20.16 37.90
C THR A 726 9.53 -20.74 36.64
N ASN A 727 10.08 -21.94 36.76
CA ASN A 727 10.76 -22.60 35.65
C ASN A 727 9.84 -23.47 34.80
N GLU A 728 8.57 -23.63 35.20
CA GLU A 728 7.66 -24.47 34.44
C GLU A 728 7.25 -23.82 33.12
N ASN A 729 7.54 -22.53 32.94
CA ASN A 729 7.30 -21.84 31.68
C ASN A 729 8.37 -20.76 31.48
N ARG A 730 8.80 -20.59 30.24
CA ARG A 730 9.87 -19.65 29.92
C ARG A 730 9.45 -18.75 28.77
N LYS A 731 8.55 -19.25 27.91
CA LYS A 731 8.13 -18.49 26.74
C LYS A 731 7.42 -17.20 27.14
N GLU A 732 6.69 -17.20 28.26
CA GLU A 732 6.08 -15.97 28.71
C GLU A 732 7.12 -14.95 29.16
N PHE A 733 8.20 -15.41 29.81
CA PHE A 733 9.32 -14.51 30.09
C PHE A 733 9.88 -13.93 28.82
N VAL A 734 10.08 -14.79 27.80
CA VAL A 734 10.65 -14.33 26.54
C VAL A 734 9.76 -13.27 25.90
N ASN A 735 8.45 -13.53 25.86
CA ASN A 735 7.53 -12.60 25.22
C ASN A 735 7.47 -11.27 25.98
N LEU A 736 7.35 -11.34 27.30
CA LEU A 736 7.25 -10.11 28.08
C LEU A 736 8.53 -9.29 27.98
N TYR A 737 9.70 -9.95 27.98
CA TYR A 737 10.95 -9.23 27.80
C TYR A 737 11.02 -8.60 26.40
N SER A 738 10.76 -9.40 25.36
CA SER A 738 10.79 -8.87 24.00
C SER A 738 9.80 -7.74 23.80
N ASP A 739 8.79 -7.64 24.65
CA ASP A 739 7.92 -6.46 24.63
C ASP A 739 8.55 -5.29 25.36
N TYR A 740 8.81 -5.44 26.66
CA TYR A 740 9.08 -4.28 27.51
C TYR A 740 10.51 -3.76 27.36
N ILE A 741 11.50 -4.65 27.17
CA ILE A 741 12.87 -4.16 27.01
C ILE A 741 13.14 -3.66 25.60
N LEU A 742 12.26 -3.98 24.64
CA LEU A 742 12.43 -3.54 23.28
C LEU A 742 11.55 -2.35 22.91
N ASN A 743 10.48 -2.08 23.65
CA ASN A 743 9.67 -0.91 23.42
C ASN A 743 9.06 -0.47 24.74
N LYS A 744 8.04 0.39 24.67
CA LYS A 744 7.27 0.84 25.81
C LYS A 744 8.09 1.69 26.78
N SER A 745 9.20 2.26 26.32
CA SER A 745 10.02 3.12 27.16
C SER A 745 10.37 4.46 26.53
N VAL A 746 10.35 4.57 25.20
CA VAL A 746 10.59 5.84 24.52
C VAL A 746 9.33 6.15 23.73
N GLU A 747 8.18 5.76 24.29
CA GLU A 747 6.91 5.90 23.58
C GLU A 747 6.66 7.35 23.18
N LYS A 748 6.79 8.28 24.12
CA LYS A 748 6.43 9.68 23.86
C LYS A 748 7.48 10.39 23.00
N GLN A 749 8.75 10.29 23.41
CA GLN A 749 9.81 11.00 22.69
C GLN A 749 10.01 10.44 21.29
N PHE A 750 10.17 9.12 21.17
CA PHE A 750 10.26 8.55 19.85
C PHE A 750 8.94 8.64 19.09
N LYS A 751 7.81 8.75 19.80
CA LYS A 751 6.56 9.00 19.10
C LYS A 751 6.59 10.36 18.42
N ALA A 752 7.13 11.36 19.10
CA ALA A 752 7.30 12.67 18.46
C ALA A 752 8.27 12.59 17.29
N PHE A 753 9.38 11.88 17.47
CA PHE A 753 10.35 11.74 16.38
C PHE A 753 9.73 11.05 15.16
N ARG A 754 9.04 9.93 15.40
CA ARG A 754 8.40 9.19 14.33
C ARG A 754 7.25 9.97 13.71
N ARG A 755 6.56 10.79 14.50
CA ARG A 755 5.56 11.70 13.95
C ARG A 755 6.19 12.70 13.00
N GLY A 756 7.33 13.27 13.38
CA GLY A 756 8.04 14.18 12.49
C GLY A 756 8.47 13.49 11.20
N PHE A 757 9.03 12.29 11.32
CA PHE A 757 9.46 11.58 10.11
C PHE A 757 8.27 11.23 9.24
N HIS A 758 7.16 10.81 9.84
CA HIS A 758 5.99 10.44 9.05
C HIS A 758 5.31 11.65 8.44
N MET A 759 5.47 12.83 9.03
CA MET A 759 4.87 14.02 8.46
C MET A 759 5.79 14.71 7.46
N VAL A 760 7.07 14.36 7.43
CA VAL A 760 7.91 14.72 6.29
C VAL A 760 7.81 13.70 5.16
N THR A 761 7.51 12.44 5.45
CA THR A 761 7.26 11.42 4.43
C THR A 761 6.13 10.50 4.89
N ASN A 762 4.93 10.74 4.36
CA ASN A 762 3.80 9.85 4.56
C ASN A 762 3.25 9.32 3.26
N GLU A 763 3.13 10.18 2.25
CA GLU A 763 2.66 9.80 0.92
C GLU A 763 3.89 9.60 0.03
N SER A 764 4.45 8.40 0.09
CA SER A 764 5.64 8.05 -0.69
C SER A 764 5.87 6.55 -0.66
N PRO A 765 6.26 5.94 -1.77
CA PRO A 765 6.52 4.49 -1.77
C PRO A 765 7.79 4.14 -1.02
N LEU A 766 7.76 4.32 0.29
CA LEU A 766 8.90 4.06 1.15
C LEU A 766 8.61 3.02 2.22
N LYS A 767 7.36 2.58 2.36
CA LYS A 767 7.00 1.69 3.46
C LYS A 767 7.49 0.26 3.22
N TYR A 768 7.60 -0.17 1.97
CA TYR A 768 7.95 -1.55 1.68
C TYR A 768 9.05 -1.73 0.66
N LEU A 769 9.35 -0.72 -0.18
CA LEU A 769 10.48 -0.83 -1.09
C LEU A 769 11.77 -1.02 -0.31
N PHE A 770 11.93 -0.31 0.80
CA PHE A 770 13.12 -0.39 1.62
C PHE A 770 12.78 -1.14 2.90
N ARG A 771 13.48 -2.24 3.14
CA ARG A 771 13.34 -2.96 4.39
C ARG A 771 14.00 -2.16 5.50
N PRO A 772 13.84 -2.56 6.76
CA PRO A 772 14.58 -1.91 7.85
C PRO A 772 16.08 -1.87 7.62
N GLU A 773 16.64 -2.92 7.04
CA GLU A 773 18.08 -3.00 6.79
C GLU A 773 18.52 -2.24 5.55
N GLU A 774 17.69 -1.36 5.02
CA GLU A 774 17.96 -0.77 3.72
C GLU A 774 17.98 0.75 3.72
N ILE A 775 17.09 1.42 4.48
CA ILE A 775 17.12 2.87 4.49
C ILE A 775 18.38 3.42 5.13
N GLU A 776 19.05 2.63 5.98
CA GLU A 776 20.29 3.09 6.60
C GLU A 776 21.29 3.56 5.56
N LEU A 777 21.49 2.77 4.50
CA LEU A 777 22.50 3.10 3.50
C LEU A 777 22.17 4.40 2.79
N LEU A 778 20.94 4.89 2.89
CA LEU A 778 20.58 6.14 2.21
C LEU A 778 21.16 7.36 2.91
N ILE A 779 21.45 7.25 4.21
CA ILE A 779 21.88 8.41 5.00
C ILE A 779 23.19 8.14 5.73
N CYS A 780 23.26 7.03 6.47
CA CYS A 780 24.47 6.73 7.23
C CYS A 780 25.67 6.58 6.32
N GLY A 781 25.60 5.68 5.36
CA GLY A 781 26.69 5.42 4.44
C GLY A 781 26.89 3.93 4.24
N SER A 782 27.52 3.58 3.12
CA SER A 782 27.74 2.17 2.80
C SER A 782 28.77 1.57 3.75
N ARG A 783 28.41 0.43 4.34
CA ARG A 783 29.30 -0.24 5.29
C ARG A 783 30.58 -0.72 4.61
N ASN A 784 30.45 -1.34 3.43
CA ASN A 784 31.61 -1.84 2.72
C ASN A 784 32.41 -0.68 2.13
N LEU A 785 33.73 -0.77 2.25
CA LEU A 785 34.65 0.25 1.74
C LEU A 785 35.60 -0.43 0.76
N ASP A 786 35.19 -0.48 -0.50
CA ASP A 786 36.00 -1.07 -1.56
C ASP A 786 36.69 0.05 -2.34
N PHE A 787 38.02 0.00 -2.38
CA PHE A 787 38.79 1.05 -3.02
C PHE A 787 38.78 0.96 -4.54
N GLN A 788 38.63 -0.25 -5.09
CA GLN A 788 38.56 -0.41 -6.53
C GLN A 788 37.38 0.34 -7.12
N ALA A 789 36.27 0.42 -6.38
CA ALA A 789 35.14 1.22 -6.81
C ALA A 789 35.52 2.70 -6.92
N LEU A 790 36.26 3.21 -5.94
CA LEU A 790 36.73 4.59 -6.00
C LEU A 790 37.67 4.79 -7.18
N GLU A 791 38.52 3.79 -7.46
CA GLU A 791 39.45 3.91 -8.59
C GLU A 791 38.69 3.99 -9.90
N GLU A 792 37.77 3.06 -10.13
CA GLU A 792 37.08 2.99 -11.41
C GLU A 792 36.06 4.12 -11.57
N THR A 793 35.54 4.66 -10.47
CA THR A 793 34.61 5.76 -10.49
C THR A 793 35.33 6.99 -9.95
N THR A 794 36.03 7.70 -10.83
CA THR A 794 36.81 8.86 -10.45
C THR A 794 36.59 9.98 -11.46
N GLU A 795 36.33 11.18 -10.96
CA GLU A 795 36.19 12.37 -11.79
C GLU A 795 37.31 13.33 -11.44
N TYR A 796 38.00 13.82 -12.48
CA TYR A 796 39.17 14.66 -12.30
C TYR A 796 38.91 16.05 -12.88
N ASP A 797 39.54 17.05 -12.27
CA ASP A 797 39.43 18.43 -12.71
C ASP A 797 40.78 19.12 -12.48
N GLY A 798 40.79 20.44 -12.61
CA GLY A 798 42.00 21.21 -12.41
C GLY A 798 42.93 21.25 -13.61
N GLY A 799 42.54 20.69 -14.75
CA GLY A 799 43.38 20.71 -15.93
C GLY A 799 44.47 19.67 -15.98
N TYR A 800 44.51 18.75 -15.02
CA TYR A 800 45.54 17.71 -14.97
C TYR A 800 45.00 16.44 -15.63
N THR A 801 45.81 15.85 -16.49
CA THR A 801 45.41 14.66 -17.22
C THR A 801 45.27 13.46 -16.27
N ARG A 802 44.42 12.51 -16.67
CA ARG A 802 44.21 11.32 -15.86
C ARG A 802 45.42 10.41 -15.86
N ASP A 803 46.21 10.42 -16.92
CA ASP A 803 47.40 9.58 -17.04
C ASP A 803 48.63 10.20 -16.39
N SER A 804 48.46 11.22 -15.56
CA SER A 804 49.60 11.85 -14.91
C SER A 804 50.23 10.93 -13.87
N VAL A 805 51.56 10.90 -13.85
CA VAL A 805 52.27 10.06 -12.88
C VAL A 805 52.08 10.59 -11.46
N LEU A 806 51.89 11.90 -11.31
CA LEU A 806 51.67 12.48 -9.99
C LEU A 806 50.39 11.92 -9.37
N ILE A 807 49.31 11.85 -10.15
CA ILE A 807 48.07 11.28 -9.65
C ILE A 807 48.25 9.80 -9.33
N ARG A 808 49.04 9.10 -10.15
CA ARG A 808 49.29 7.69 -9.87
C ARG A 808 50.00 7.49 -8.55
N GLU A 809 51.01 8.32 -8.26
CA GLU A 809 51.71 8.15 -6.99
C GLU A 809 50.88 8.63 -5.82
N PHE A 810 50.00 9.61 -6.02
CA PHE A 810 49.06 9.98 -4.96
C PHE A 810 48.13 8.82 -4.62
N TRP A 811 47.57 8.18 -5.65
CA TRP A 811 46.72 7.02 -5.42
C TRP A 811 47.50 5.89 -4.75
N GLU A 812 48.75 5.69 -5.15
CA GLU A 812 49.58 4.66 -4.51
C GLU A 812 49.84 4.98 -3.04
N ILE A 813 50.07 6.26 -2.73
CA ILE A 813 50.19 6.67 -1.33
C ILE A 813 48.93 6.33 -0.57
N VAL A 814 47.76 6.55 -1.17
CA VAL A 814 46.51 6.14 -0.53
C VAL A 814 46.46 4.63 -0.36
N HIS A 815 46.95 3.88 -1.35
CA HIS A 815 47.00 2.42 -1.22
C HIS A 815 47.87 1.99 -0.06
N SER A 816 48.92 2.77 0.24
CA SER A 816 49.81 2.41 1.33
C SER A 816 49.09 2.34 2.66
N PHE A 817 47.93 3.00 2.78
CA PHE A 817 47.12 2.92 3.97
C PHE A 817 46.31 1.63 4.01
N THR A 818 45.93 1.23 5.22
CA THR A 818 45.09 0.06 5.43
C THR A 818 43.62 0.48 5.46
N ASP A 819 42.73 -0.47 5.73
CA ASP A 819 41.30 -0.18 5.74
C ASP A 819 40.94 0.84 6.80
N GLU A 820 41.49 0.69 8.01
CA GLU A 820 41.25 1.67 9.07
C GLU A 820 41.80 3.04 8.67
N GLN A 821 43.02 3.08 8.14
CA GLN A 821 43.60 4.34 7.71
C GLN A 821 42.81 4.93 6.54
N LYS A 822 42.34 4.08 5.62
CA LYS A 822 41.54 4.56 4.49
C LYS A 822 40.25 5.21 4.98
N ARG A 823 39.54 4.55 5.90
CA ARG A 823 38.28 5.12 6.38
C ARG A 823 38.52 6.36 7.22
N LEU A 824 39.62 6.42 7.98
CA LEU A 824 39.90 7.63 8.75
C LEU A 824 40.28 8.78 7.83
N PHE A 825 41.00 8.49 6.74
CA PHE A 825 41.26 9.51 5.73
C PHE A 825 39.97 10.00 5.09
N LEU A 826 39.04 9.08 4.80
CA LEU A 826 37.76 9.49 4.21
C LEU A 826 36.98 10.36 5.17
N GLN A 827 37.01 10.02 6.47
CA GLN A 827 36.35 10.85 7.48
C GLN A 827 37.00 12.23 7.56
N PHE A 828 38.33 12.28 7.52
CA PHE A 828 39.05 13.55 7.61
C PHE A 828 38.74 14.45 6.42
N THR A 829 38.71 13.88 5.22
CA THR A 829 38.54 14.69 4.01
C THR A 829 37.07 15.00 3.76
N THR A 830 36.25 13.97 3.53
CA THR A 830 34.86 14.19 3.16
C THR A 830 34.02 14.68 4.33
N GLY A 831 34.39 14.30 5.55
CA GLY A 831 33.63 14.64 6.74
C GLY A 831 32.81 13.51 7.30
N THR A 832 32.70 12.39 6.60
CA THR A 832 31.95 11.22 7.08
C THR A 832 32.84 9.99 6.97
N ASP A 833 32.71 9.08 7.94
CA ASP A 833 33.57 7.92 8.02
C ASP A 833 33.12 6.77 7.12
N ARG A 834 31.99 6.90 6.45
CA ARG A 834 31.48 5.87 5.56
C ARG A 834 31.33 6.43 4.15
N ALA A 835 31.42 5.54 3.17
CA ALA A 835 31.25 5.95 1.79
C ALA A 835 29.80 6.37 1.55
N PRO A 836 29.58 7.30 0.61
CA PRO A 836 28.21 7.74 0.32
C PRO A 836 27.31 6.63 -0.20
N VAL A 837 26.04 6.97 -0.46
CA VAL A 837 25.11 5.99 -1.00
C VAL A 837 25.66 5.44 -2.32
N GLY A 838 25.58 4.12 -2.48
CA GLY A 838 26.25 3.47 -3.58
C GLY A 838 27.73 3.22 -3.35
N GLY A 839 28.21 3.41 -2.12
CA GLY A 839 29.62 3.19 -1.83
C GLY A 839 30.50 4.22 -2.51
N LEU A 840 31.77 3.83 -2.72
CA LEU A 840 32.73 4.66 -3.42
C LEU A 840 32.62 4.54 -4.94
N GLY A 841 31.73 3.68 -5.43
CA GLY A 841 31.54 3.46 -6.84
C GLY A 841 30.32 4.11 -7.46
N LYS A 842 29.68 5.06 -6.77
CA LYS A 842 28.50 5.72 -7.32
C LYS A 842 28.48 7.22 -7.14
N LEU A 843 29.36 7.80 -6.33
CA LEU A 843 29.35 9.24 -6.10
C LEU A 843 30.00 9.98 -7.26
N LYS A 844 30.16 11.30 -7.08
CA LYS A 844 30.85 12.15 -8.04
C LYS A 844 31.89 12.95 -7.25
N MET A 845 33.07 12.37 -7.06
CA MET A 845 34.14 13.02 -6.34
C MET A 845 34.98 13.86 -7.30
N ILE A 846 35.42 15.02 -6.83
CA ILE A 846 36.10 16.01 -7.66
C ILE A 846 37.51 16.21 -7.12
N ILE A 847 38.49 16.12 -8.01
CA ILE A 847 39.89 16.39 -7.69
C ILE A 847 40.30 17.63 -8.47
N ALA A 848 40.66 18.68 -7.75
CA ALA A 848 41.05 19.95 -8.36
C ALA A 848 42.48 20.30 -7.96
N LYS A 849 42.91 21.48 -8.35
CA LYS A 849 44.27 21.95 -8.12
C LYS A 849 44.24 23.16 -7.19
N ASN A 850 45.06 23.11 -6.14
CA ASN A 850 45.22 24.24 -5.23
C ASN A 850 46.31 25.20 -5.68
N GLY A 851 47.41 24.67 -6.21
CA GLY A 851 48.52 25.48 -6.65
C GLY A 851 49.75 24.67 -6.96
N PRO A 852 50.91 25.33 -7.04
CA PRO A 852 52.15 24.62 -7.34
C PRO A 852 52.70 23.85 -6.15
N ASP A 853 53.90 23.29 -6.30
CA ASP A 853 54.53 22.53 -5.22
C ASP A 853 55.01 23.46 -4.12
N THR A 854 54.18 23.66 -3.09
CA THR A 854 54.53 24.53 -1.98
C THR A 854 53.66 24.18 -0.79
N GLU A 855 54.25 24.26 0.41
CA GLU A 855 53.55 23.96 1.65
C GLU A 855 53.05 25.24 2.32
N ARG A 856 52.12 25.92 1.64
CA ARG A 856 51.55 27.16 2.18
C ARG A 856 50.26 26.89 2.96
N LEU A 857 49.26 26.32 2.31
CA LEU A 857 47.96 26.05 2.94
C LEU A 857 47.26 24.93 2.17
N PRO A 858 47.57 23.68 2.49
CA PRO A 858 46.83 22.57 1.89
C PRO A 858 45.43 22.46 2.46
N THR A 859 44.43 22.85 1.69
CA THR A 859 43.06 22.88 2.15
C THR A 859 42.13 22.38 1.04
N SER A 860 41.15 21.58 1.44
CA SER A 860 40.15 21.04 0.52
C SER A 860 38.81 21.70 0.78
N HIS A 861 38.07 21.96 -0.30
CA HIS A 861 36.77 22.62 -0.20
C HIS A 861 35.76 21.61 0.32
N THR A 862 35.55 21.63 1.64
CA THR A 862 34.66 20.67 2.27
C THR A 862 33.21 20.86 1.85
N CYS A 863 32.84 22.09 1.46
CA CYS A 863 31.47 22.35 1.05
C CYS A 863 31.10 21.55 -0.20
N PHE A 864 32.02 21.47 -1.16
CA PHE A 864 31.79 20.74 -2.39
C PHE A 864 32.46 19.37 -2.42
N ASN A 865 33.07 18.96 -1.31
CA ASN A 865 33.76 17.68 -1.21
C ASN A 865 34.80 17.50 -2.32
N VAL A 866 35.52 18.58 -2.61
CA VAL A 866 36.57 18.57 -3.61
C VAL A 866 37.92 18.44 -2.89
N LEU A 867 38.68 17.42 -3.24
CA LEU A 867 39.98 17.17 -2.61
C LEU A 867 41.04 17.89 -3.42
N LEU A 868 41.23 19.19 -3.13
CA LEU A 868 42.22 20.01 -3.79
C LEU A 868 43.61 19.77 -3.19
N LEU A 869 44.08 18.54 -3.34
CA LEU A 869 45.37 18.16 -2.79
C LEU A 869 46.48 18.86 -3.58
N PRO A 870 47.43 19.52 -2.91
CA PRO A 870 48.55 20.11 -3.63
C PRO A 870 49.42 19.05 -4.28
N GLU A 871 50.00 19.40 -5.42
CA GLU A 871 50.83 18.48 -6.19
C GLU A 871 52.27 18.60 -5.70
N TYR A 872 52.77 17.54 -5.06
CA TYR A 872 54.11 17.51 -4.51
C TYR A 872 54.94 16.45 -5.23
N SER A 873 56.21 16.77 -5.45
CA SER A 873 57.09 15.86 -6.17
C SER A 873 57.60 14.73 -5.28
N SER A 874 58.28 15.07 -4.19
CA SER A 874 58.84 14.07 -3.30
C SER A 874 57.74 13.32 -2.56
N LYS A 875 57.94 12.02 -2.37
CA LYS A 875 56.93 11.16 -1.75
C LYS A 875 57.02 11.16 -0.23
N GLU A 876 58.21 11.33 0.33
CA GLU A 876 58.35 11.31 1.78
C GLU A 876 57.62 12.48 2.43
N LYS A 877 57.70 13.67 1.83
CA LYS A 877 56.97 14.82 2.35
C LYS A 877 55.47 14.58 2.27
N LEU A 878 55.00 13.99 1.17
CA LEU A 878 53.59 13.66 1.06
C LEU A 878 53.16 12.69 2.14
N LYS A 879 53.96 11.66 2.39
CA LYS A 879 53.63 10.69 3.42
C LYS A 879 53.58 11.34 4.80
N GLU A 880 54.55 12.19 5.11
CA GLU A 880 54.57 12.85 6.41
C GLU A 880 53.37 13.78 6.58
N ARG A 881 53.07 14.58 5.55
CA ARG A 881 51.92 15.48 5.62
C ARG A 881 50.62 14.69 5.77
N LEU A 882 50.48 13.58 5.04
CA LEU A 882 49.26 12.80 5.12
C LEU A 882 49.14 12.12 6.48
N LEU A 883 50.24 11.64 7.05
CA LEU A 883 50.21 11.07 8.39
C LEU A 883 49.81 12.11 9.42
N LYS A 884 50.34 13.33 9.31
CA LYS A 884 49.94 14.39 10.23
C LYS A 884 48.47 14.74 10.08
N ALA A 885 47.97 14.78 8.85
CA ALA A 885 46.56 15.05 8.62
C ALA A 885 45.67 13.95 9.21
N ILE A 886 46.11 12.69 9.08
CA ILE A 886 45.36 11.58 9.66
C ILE A 886 45.35 11.69 11.18
N THR A 887 46.49 12.00 11.78
CA THR A 887 46.55 12.12 13.24
C THR A 887 45.69 13.26 13.75
N TYR A 888 45.71 14.40 13.05
CA TYR A 888 44.91 15.57 13.40
C TYR A 888 43.84 15.73 12.33
N ALA A 889 42.70 15.07 12.54
CA ALA A 889 41.63 15.05 11.55
C ALA A 889 40.42 15.87 11.98
N LYS A 890 39.86 15.59 13.16
CA LYS A 890 38.71 16.33 13.66
C LYS A 890 39.03 17.14 14.91
N GLY A 891 40.26 17.08 15.41
CA GLY A 891 40.65 17.89 16.55
C GLY A 891 40.84 19.35 16.23
N PHE A 892 41.06 19.70 14.96
CA PHE A 892 41.24 21.09 14.57
C PHE A 892 39.95 21.89 14.63
N GLY A 893 38.79 21.23 14.59
CA GLY A 893 37.53 21.92 14.63
C GLY A 893 37.05 22.49 13.31
N MET A 894 37.81 22.31 12.23
CA MET A 894 37.39 22.82 10.93
C MET A 894 36.10 22.15 10.47
N LEU A 895 36.00 20.83 10.65
CA LEU A 895 34.78 20.11 10.30
C LEU A 895 34.38 19.19 11.44
N SER B 178 -53.85 3.03 18.79
CA SER B 178 -54.09 3.57 17.45
C SER B 178 -52.92 3.28 16.53
N SER B 179 -53.01 3.79 15.30
CA SER B 179 -51.95 3.59 14.30
C SER B 179 -50.97 4.77 14.32
N SER B 180 -50.38 5.00 15.49
CA SER B 180 -49.37 6.04 15.63
C SER B 180 -48.13 5.67 14.83
N VAL B 181 -47.48 6.68 14.26
CA VAL B 181 -46.34 6.46 13.38
C VAL B 181 -45.09 7.09 13.98
N PRO B 182 -43.92 6.48 13.78
CA PRO B 182 -42.68 7.09 14.28
C PRO B 182 -42.36 8.38 13.55
N SER B 183 -41.59 9.23 14.21
CA SER B 183 -41.18 10.50 13.64
C SER B 183 -40.23 10.29 12.46
N GLN B 184 -40.24 11.26 11.54
CA GLN B 184 -39.39 11.21 10.34
C GLN B 184 -38.06 11.87 10.68
N LYS B 185 -37.11 11.06 11.13
CA LYS B 185 -35.78 11.50 11.52
C LYS B 185 -34.75 10.83 10.62
N THR B 186 -33.48 11.00 10.97
CA THR B 186 -32.37 10.44 10.20
C THR B 186 -31.43 9.72 11.16
N TYR B 187 -31.57 8.40 11.26
CA TYR B 187 -30.79 7.56 12.16
C TYR B 187 -30.04 6.54 11.32
N GLN B 188 -28.84 6.92 10.85
CA GLN B 188 -28.01 6.00 10.07
C GLN B 188 -27.23 5.06 10.97
N GLY B 189 -26.37 5.62 11.82
CA GLY B 189 -25.59 4.85 12.77
C GLY B 189 -24.10 5.07 12.58
N SER B 190 -23.33 4.40 13.45
CA SER B 190 -21.89 4.48 13.38
C SER B 190 -21.37 3.85 12.09
N TYR B 191 -21.91 2.68 11.72
CA TYR B 191 -21.53 2.00 10.49
C TYR B 191 -22.50 2.40 9.39
N GLY B 192 -21.95 2.85 8.26
CA GLY B 192 -22.79 3.40 7.21
C GLY B 192 -23.23 2.41 6.15
N PHE B 193 -24.45 1.90 6.29
CA PHE B 193 -25.10 1.11 5.27
C PHE B 193 -26.34 1.86 4.82
N ARG B 194 -26.41 2.19 3.54
CA ARG B 194 -27.53 2.95 3.00
C ARG B 194 -27.55 2.80 1.49
N LEU B 195 -28.52 3.44 0.85
CA LEU B 195 -28.68 3.38 -0.59
C LEU B 195 -27.64 4.26 -1.28
N GLY B 196 -27.50 4.07 -2.59
CA GLY B 196 -26.70 4.93 -3.43
C GLY B 196 -27.26 4.92 -4.83
N PHE B 197 -27.53 6.08 -5.40
CA PHE B 197 -28.34 6.16 -6.61
C PHE B 197 -27.52 6.66 -7.78
N LEU B 198 -27.91 6.23 -8.97
CA LEU B 198 -27.19 6.47 -10.21
C LEU B 198 -28.07 7.31 -11.15
N HIS B 199 -27.49 8.39 -11.68
CA HIS B 199 -28.19 9.26 -12.62
C HIS B 199 -27.58 9.13 -14.00
N SER B 200 -28.43 8.94 -15.01
CA SER B 200 -27.99 8.81 -16.39
C SER B 200 -28.65 9.81 -17.33
N GLY B 201 -29.59 10.62 -16.85
CA GLY B 201 -30.24 11.61 -17.66
C GLY B 201 -31.74 11.66 -17.41
N THR B 202 -32.39 12.58 -18.11
CA THR B 202 -33.82 12.80 -18.03
C THR B 202 -34.51 12.52 -19.36
N ALA B 203 -34.07 11.46 -20.03
CA ALA B 203 -34.68 11.09 -21.30
C ALA B 203 -36.02 10.38 -21.06
N LYS B 204 -36.83 10.30 -22.12
CA LYS B 204 -38.14 9.68 -22.01
C LYS B 204 -38.02 8.19 -21.67
N SER B 205 -37.11 7.49 -22.32
CA SER B 205 -36.95 6.05 -22.13
C SER B 205 -35.95 5.69 -21.06
N VAL B 206 -35.24 6.66 -20.49
CA VAL B 206 -34.22 6.40 -19.47
C VAL B 206 -34.90 6.57 -18.11
N THR B 207 -35.28 5.44 -17.50
CA THR B 207 -35.92 5.45 -16.20
C THR B 207 -35.14 4.71 -15.13
N CYS B 208 -33.95 4.19 -15.47
CA CYS B 208 -33.07 3.54 -14.50
C CYS B 208 -32.20 4.58 -13.79
N THR B 209 -32.85 5.59 -13.20
CA THR B 209 -32.13 6.75 -12.69
C THR B 209 -32.76 7.17 -11.36
N TYR B 210 -32.40 8.37 -10.91
CA TYR B 210 -32.84 8.91 -9.63
C TYR B 210 -32.92 10.42 -9.75
N SER B 211 -33.66 11.04 -8.82
CA SER B 211 -33.74 12.49 -8.77
C SER B 211 -32.60 12.99 -7.91
N PRO B 212 -31.56 13.60 -8.48
CA PRO B 212 -30.42 14.04 -7.65
C PRO B 212 -30.80 15.07 -6.61
N ALA B 213 -31.77 15.93 -6.89
CA ALA B 213 -32.09 17.03 -5.99
C ALA B 213 -33.22 16.67 -5.00
N LEU B 214 -34.38 16.31 -5.52
CA LEU B 214 -35.57 16.15 -4.69
C LEU B 214 -35.71 14.74 -4.12
N ASN B 215 -34.81 13.82 -4.47
CA ASN B 215 -34.80 12.46 -3.94
C ASN B 215 -36.12 11.75 -4.23
N LYS B 216 -36.40 11.57 -5.51
CA LYS B 216 -37.65 10.99 -5.98
C LYS B 216 -37.37 9.84 -6.95
N LEU B 217 -38.13 8.75 -6.82
CA LEU B 217 -38.00 7.58 -7.67
C LEU B 217 -39.06 7.60 -8.76
N PHE B 218 -38.63 7.68 -10.02
CA PHE B 218 -39.47 7.41 -11.18
C PHE B 218 -38.83 6.27 -11.95
N CYS B 219 -39.19 5.05 -11.59
CA CYS B 219 -38.80 3.85 -12.32
C CYS B 219 -40.05 3.19 -12.87
N GLN B 220 -39.95 2.67 -14.09
CA GLN B 220 -41.13 2.11 -14.76
C GLN B 220 -41.67 0.91 -14.00
N LEU B 221 -42.99 0.81 -13.93
CA LEU B 221 -43.63 -0.32 -13.26
C LEU B 221 -43.39 -1.60 -14.05
N ALA B 222 -43.15 -2.70 -13.32
CA ALA B 222 -42.91 -4.02 -13.91
C ALA B 222 -41.75 -3.97 -14.91
N LYS B 223 -40.71 -3.23 -14.56
CA LYS B 223 -39.50 -3.13 -15.38
C LYS B 223 -38.27 -3.30 -14.50
N THR B 224 -37.23 -3.87 -15.09
CA THR B 224 -35.97 -4.12 -14.38
C THR B 224 -35.10 -2.88 -14.50
N CYS B 225 -35.09 -2.05 -13.46
CA CYS B 225 -34.29 -0.84 -13.41
C CYS B 225 -33.53 -0.74 -12.09
N PRO B 226 -32.59 -1.67 -11.81
CA PRO B 226 -31.70 -1.47 -10.67
C PRO B 226 -30.39 -0.83 -11.08
N VAL B 227 -29.75 -0.07 -10.20
CA VAL B 227 -28.47 0.57 -10.49
C VAL B 227 -27.50 0.27 -9.33
N GLN B 228 -26.78 -0.84 -9.45
CA GLN B 228 -25.62 -1.20 -8.62
C GLN B 228 -25.94 -1.36 -7.14
N LEU B 229 -24.98 -1.89 -6.38
CA LEU B 229 -25.20 -2.31 -5.00
C LEU B 229 -23.88 -2.31 -4.26
N TRP B 230 -23.88 -1.89 -3.00
CA TRP B 230 -22.66 -1.95 -2.19
C TRP B 230 -23.01 -1.94 -0.71
N VAL B 231 -22.00 -2.09 0.14
CA VAL B 231 -22.13 -2.01 1.59
C VAL B 231 -20.74 -1.80 2.17
N ASP B 232 -20.65 -1.35 3.43
CA ASP B 232 -19.39 -0.89 3.98
C ASP B 232 -18.31 -1.98 3.99
N SER B 233 -18.41 -2.96 4.89
CA SER B 233 -17.56 -4.13 4.77
C SER B 233 -18.35 -5.43 4.78
N THR B 234 -19.07 -5.68 5.88
CA THR B 234 -19.81 -6.93 6.08
C THR B 234 -20.80 -6.83 7.24
N PRO B 235 -21.94 -6.18 7.05
CA PRO B 235 -22.97 -6.18 8.11
C PRO B 235 -23.48 -7.59 8.36
N PRO B 236 -23.74 -7.95 9.60
CA PRO B 236 -24.19 -9.31 9.91
C PRO B 236 -25.64 -9.51 9.50
N PRO B 237 -25.90 -10.38 8.52
CA PRO B 237 -27.30 -10.65 8.13
C PRO B 237 -27.90 -11.77 8.95
N GLY B 238 -29.13 -12.14 8.62
CA GLY B 238 -29.82 -13.25 9.28
C GLY B 238 -31.11 -12.88 9.97
N THR B 239 -31.31 -11.60 10.32
CA THR B 239 -32.52 -11.14 10.96
C THR B 239 -33.31 -10.26 10.01
N ARG B 240 -34.60 -10.51 9.92
CA ARG B 240 -35.48 -9.70 9.09
C ARG B 240 -35.92 -8.46 9.86
N VAL B 241 -35.96 -7.33 9.17
CA VAL B 241 -36.34 -6.05 9.76
C VAL B 241 -37.64 -5.58 9.12
N ARG B 242 -38.62 -5.27 9.95
CA ARG B 242 -39.91 -4.83 9.44
C ARG B 242 -39.82 -3.44 8.82
N ALA B 243 -40.70 -3.18 7.87
CA ALA B 243 -40.77 -1.88 7.22
C ALA B 243 -42.18 -1.68 6.70
N MET B 244 -42.86 -0.66 7.21
CA MET B 244 -44.25 -0.39 6.84
C MET B 244 -44.32 0.89 6.00
N ALA B 245 -45.17 0.86 4.98
CA ALA B 245 -45.32 1.98 4.06
C ALA B 245 -46.31 2.98 4.66
N ILE B 246 -45.79 3.91 5.45
CA ILE B 246 -46.59 4.92 6.11
C ILE B 246 -46.81 6.09 5.16
N TYR B 247 -48.02 6.65 5.21
CA TYR B 247 -48.37 7.78 4.35
C TYR B 247 -47.71 9.06 4.87
N LYS B 248 -48.04 10.18 4.23
CA LYS B 248 -47.51 11.48 4.59
C LYS B 248 -48.57 12.41 5.20
N GLN B 249 -49.67 12.63 4.48
CA GLN B 249 -50.72 13.49 4.99
C GLN B 249 -51.49 12.81 6.12
N SER B 250 -51.90 13.60 7.11
CA SER B 250 -52.39 13.08 8.38
C SER B 250 -53.84 12.65 8.34
N GLN B 251 -54.61 13.03 7.32
CA GLN B 251 -56.04 12.71 7.34
C GLN B 251 -56.29 11.21 7.22
N HIS B 252 -55.32 10.45 6.72
CA HIS B 252 -55.39 8.99 6.71
C HIS B 252 -54.05 8.39 7.14
N MET B 253 -53.46 8.95 8.20
CA MET B 253 -52.25 8.37 8.77
C MET B 253 -52.53 6.99 9.36
N THR B 254 -53.74 6.77 9.85
CA THR B 254 -54.13 5.49 10.42
C THR B 254 -54.64 4.51 9.36
N GLU B 255 -54.69 4.92 8.09
CA GLU B 255 -55.17 4.05 7.03
C GLU B 255 -54.28 2.83 6.88
N VAL B 256 -54.89 1.69 6.54
CA VAL B 256 -54.18 0.46 6.29
C VAL B 256 -53.96 0.32 4.79
N VAL B 257 -52.72 0.03 4.39
CA VAL B 257 -52.39 -0.09 2.98
C VAL B 257 -53.11 -1.30 2.39
N ARG B 258 -53.76 -1.11 1.24
CA ARG B 258 -54.50 -2.15 0.56
C ARG B 258 -54.03 -2.26 -0.88
N ARG B 259 -53.92 -3.50 -1.37
CA ARG B 259 -53.59 -3.72 -2.76
C ARG B 259 -54.75 -3.28 -3.66
N CYS B 260 -54.41 -2.87 -4.87
CA CYS B 260 -55.42 -2.41 -5.81
C CYS B 260 -56.37 -3.56 -6.15
N PRO B 261 -57.69 -3.34 -6.08
CA PRO B 261 -58.63 -4.42 -6.41
C PRO B 261 -58.46 -4.97 -7.82
N HIS B 262 -58.13 -4.11 -8.80
CA HIS B 262 -57.89 -4.58 -10.15
C HIS B 262 -56.70 -5.55 -10.19
N HIS B 263 -55.63 -5.23 -9.48
CA HIS B 263 -54.50 -6.15 -9.39
C HIS B 263 -54.81 -7.31 -8.47
N GLU B 264 -55.61 -7.09 -7.43
CA GLU B 264 -55.95 -8.16 -6.49
C GLU B 264 -56.72 -9.28 -7.18
N ARG B 265 -57.73 -8.92 -7.98
CA ARG B 265 -58.55 -9.94 -8.62
C ARG B 265 -57.84 -10.57 -9.81
N CYS B 266 -57.08 -9.79 -10.57
CA CYS B 266 -56.39 -10.33 -11.74
C CYS B 266 -55.25 -11.24 -11.32
N SER B 267 -55.02 -12.28 -12.12
CA SER B 267 -53.96 -13.25 -11.87
C SER B 267 -52.69 -12.76 -12.55
N ASP B 268 -52.00 -11.84 -11.89
CA ASP B 268 -50.76 -11.26 -12.39
C ASP B 268 -49.57 -11.49 -11.48
N SER B 269 -49.78 -11.98 -10.26
CA SER B 269 -48.68 -12.23 -9.34
C SER B 269 -48.04 -13.59 -9.64
N ASP B 270 -47.17 -14.05 -8.76
CA ASP B 270 -46.48 -15.32 -8.92
C ASP B 270 -47.13 -16.45 -8.13
N GLY B 271 -48.30 -16.23 -7.58
CA GLY B 271 -48.98 -17.23 -6.76
C GLY B 271 -48.61 -17.19 -5.30
N LEU B 272 -47.32 -17.02 -5.00
CA LEU B 272 -46.89 -16.93 -3.61
C LEU B 272 -47.24 -15.57 -3.01
N ALA B 273 -47.35 -14.54 -3.83
CA ALA B 273 -47.68 -13.21 -3.33
C ALA B 273 -49.13 -13.15 -2.91
N PRO B 274 -49.44 -12.79 -1.66
CA PRO B 274 -50.85 -12.70 -1.26
C PRO B 274 -51.54 -11.55 -1.96
N PRO B 275 -52.85 -11.64 -2.19
CA PRO B 275 -53.57 -10.53 -2.82
C PRO B 275 -53.92 -9.43 -1.83
N GLN B 276 -52.97 -9.09 -0.96
CA GLN B 276 -53.14 -7.99 -0.02
C GLN B 276 -51.87 -7.17 0.17
N HIS B 277 -50.80 -7.47 -0.55
CA HIS B 277 -49.51 -6.80 -0.38
C HIS B 277 -49.06 -6.21 -1.72
N LEU B 278 -48.46 -5.03 -1.66
CA LEU B 278 -47.83 -4.44 -2.83
C LEU B 278 -46.40 -4.92 -3.02
N ILE B 279 -45.86 -5.69 -2.09
CA ILE B 279 -44.44 -6.04 -2.11
C ILE B 279 -44.21 -7.17 -3.12
N ARG B 280 -43.34 -6.91 -4.09
CA ARG B 280 -42.89 -7.88 -5.06
C ARG B 280 -41.37 -7.99 -4.90
N VAL B 281 -40.94 -8.94 -4.07
CA VAL B 281 -39.52 -9.06 -3.74
C VAL B 281 -38.79 -9.70 -4.92
N GLU B 282 -38.20 -8.87 -5.77
CA GLU B 282 -37.43 -9.35 -6.91
C GLU B 282 -35.97 -8.93 -6.88
N GLY B 283 -35.64 -7.80 -6.24
CA GLY B 283 -34.26 -7.44 -6.04
C GLY B 283 -33.54 -8.30 -5.04
N ASN B 284 -34.27 -8.99 -4.18
CA ASN B 284 -33.71 -9.90 -3.19
C ASN B 284 -34.62 -11.12 -3.09
N LEU B 285 -34.35 -11.98 -2.11
CA LEU B 285 -35.11 -13.22 -1.97
C LEU B 285 -35.41 -13.58 -0.53
N ARG B 286 -35.11 -12.72 0.44
CA ARG B 286 -35.25 -13.06 1.86
C ARG B 286 -36.24 -12.16 2.57
N ALA B 287 -37.33 -11.79 1.89
CA ALA B 287 -38.38 -10.98 2.48
C ALA B 287 -39.71 -11.73 2.39
N GLU B 288 -40.44 -11.76 3.51
CA GLU B 288 -41.69 -12.49 3.60
C GLU B 288 -42.76 -11.59 4.22
N TYR B 289 -44.00 -11.79 3.78
CA TYR B 289 -45.11 -10.99 4.29
C TYR B 289 -45.47 -11.42 5.71
N LEU B 290 -45.55 -10.45 6.61
CA LEU B 290 -45.84 -10.71 8.02
C LEU B 290 -47.19 -10.13 8.36
N ASP B 291 -48.09 -10.97 8.88
CA ASP B 291 -49.45 -10.54 9.24
C ASP B 291 -49.42 -9.90 10.63
N ASP B 292 -48.86 -8.71 10.68
CA ASP B 292 -48.71 -7.99 11.94
C ASP B 292 -50.05 -7.43 12.39
N ARG B 293 -50.47 -7.78 13.61
CA ARG B 293 -51.74 -7.34 14.16
C ARG B 293 -51.56 -6.32 15.28
N ASN B 294 -50.39 -5.70 15.37
CA ASN B 294 -50.19 -4.65 16.36
C ASN B 294 -51.11 -3.46 16.09
N THR B 295 -51.27 -3.10 14.81
CA THR B 295 -52.16 -2.01 14.42
C THR B 295 -53.01 -2.38 13.22
N PHE B 296 -53.33 -3.67 13.07
CA PHE B 296 -54.12 -4.18 11.95
C PHE B 296 -53.47 -3.81 10.62
N ARG B 297 -52.14 -3.91 10.56
CA ARG B 297 -51.37 -3.58 9.37
C ARG B 297 -50.34 -4.67 9.11
N HIS B 298 -50.47 -5.35 7.98
CA HIS B 298 -49.51 -6.38 7.59
C HIS B 298 -48.22 -5.68 7.16
N SER B 299 -47.22 -5.70 8.03
CA SER B 299 -45.94 -5.04 7.77
C SER B 299 -44.95 -6.08 7.25
N VAL B 300 -44.64 -6.01 5.96
CA VAL B 300 -43.69 -6.93 5.35
C VAL B 300 -42.28 -6.50 5.73
N VAL B 301 -41.40 -7.48 5.93
CA VAL B 301 -40.02 -7.23 6.31
C VAL B 301 -39.18 -7.00 5.07
N VAL B 302 -38.14 -6.19 5.19
CA VAL B 302 -37.22 -5.91 4.09
C VAL B 302 -35.92 -6.67 4.31
N PRO B 303 -35.25 -7.11 3.25
CA PRO B 303 -34.02 -7.90 3.43
C PRO B 303 -32.84 -7.05 3.91
N TYR B 304 -32.45 -7.24 5.17
CA TYR B 304 -31.30 -6.56 5.75
C TYR B 304 -30.06 -7.40 5.47
N GLU B 305 -29.51 -7.26 4.28
CA GLU B 305 -28.35 -8.03 3.87
C GLU B 305 -27.34 -7.12 3.19
N PRO B 306 -26.06 -7.46 3.25
CA PRO B 306 -25.04 -6.70 2.53
C PRO B 306 -25.16 -6.92 1.03
N PRO B 307 -25.46 -5.86 0.26
CA PRO B 307 -25.61 -6.01 -1.19
C PRO B 307 -24.26 -6.06 -1.88
N GLU B 308 -23.92 -7.24 -2.41
CA GLU B 308 -22.72 -7.46 -3.23
C GLU B 308 -21.44 -7.29 -2.43
N VAL B 309 -21.55 -6.94 -1.15
CA VAL B 309 -20.42 -6.83 -0.22
C VAL B 309 -19.33 -5.93 -0.80
N GLY B 310 -19.59 -4.64 -0.85
CA GLY B 310 -18.57 -3.67 -1.20
C GLY B 310 -18.49 -3.35 -2.69
N SER B 311 -18.84 -2.12 -3.07
CA SER B 311 -18.78 -1.67 -4.45
C SER B 311 -19.09 -0.19 -4.56
N ASP B 312 -20.27 0.13 -5.10
CA ASP B 312 -20.64 1.52 -5.36
C ASP B 312 -22.15 1.71 -5.61
N CYS B 313 -22.75 2.66 -4.88
CA CYS B 313 -24.12 3.16 -5.07
C CYS B 313 -25.17 2.04 -4.98
N THR B 314 -25.32 1.54 -3.76
CA THR B 314 -26.39 0.60 -3.42
C THR B 314 -27.76 1.06 -3.91
N THR B 315 -28.38 0.23 -4.74
CA THR B 315 -29.77 0.45 -5.15
C THR B 315 -30.46 -0.92 -5.23
N ILE B 316 -31.11 -1.30 -4.14
CA ILE B 316 -31.87 -2.55 -4.13
C ILE B 316 -33.05 -2.42 -5.06
N HIS B 317 -33.26 -3.45 -5.89
CA HIS B 317 -34.28 -3.39 -6.94
C HIS B 317 -35.66 -3.57 -6.32
N TYR B 318 -36.44 -2.49 -6.26
CA TYR B 318 -37.84 -2.53 -5.85
C TYR B 318 -38.70 -1.92 -6.93
N ASN B 319 -39.56 -2.74 -7.53
CA ASN B 319 -40.57 -2.28 -8.48
C ASN B 319 -41.93 -2.74 -8.00
N TYR B 320 -42.88 -1.82 -7.95
CA TYR B 320 -44.22 -2.08 -7.46
C TYR B 320 -45.22 -2.05 -8.61
N MET B 321 -46.20 -2.94 -8.56
CA MET B 321 -47.31 -2.97 -9.52
C MET B 321 -48.60 -2.69 -8.73
N CYS B 322 -48.95 -1.42 -8.64
CA CYS B 322 -50.15 -0.99 -7.93
C CYS B 322 -50.70 0.25 -8.60
N TYR B 323 -52.00 0.24 -8.89
CA TYR B 323 -52.69 1.37 -9.49
C TYR B 323 -53.65 1.94 -8.45
N SER B 324 -53.39 3.17 -7.99
CA SER B 324 -54.04 3.74 -6.82
C SER B 324 -55.20 4.66 -7.18
N SER B 325 -55.94 4.35 -8.25
CA SER B 325 -57.13 5.08 -8.62
C SER B 325 -58.26 4.10 -8.96
N CYS B 326 -58.44 3.11 -8.09
CA CYS B 326 -59.40 2.02 -8.31
C CYS B 326 -60.70 2.26 -7.55
N MET B 327 -61.14 3.51 -7.47
CA MET B 327 -62.41 3.94 -6.88
C MET B 327 -62.75 3.20 -5.57
N GLY B 328 -61.73 2.92 -4.76
CA GLY B 328 -61.94 2.27 -3.49
C GLY B 328 -61.10 2.89 -2.38
N GLY B 329 -60.37 2.06 -1.65
CA GLY B 329 -59.48 2.55 -0.61
C GLY B 329 -58.12 2.93 -1.16
N MET B 330 -58.09 3.32 -2.44
CA MET B 330 -56.85 3.66 -3.11
C MET B 330 -56.42 5.11 -2.87
N ASN B 331 -57.36 6.05 -2.97
CA ASN B 331 -57.22 7.45 -2.58
C ASN B 331 -55.82 8.01 -2.84
N ARG B 332 -55.43 8.05 -4.12
CA ARG B 332 -54.04 8.18 -4.57
C ARG B 332 -53.22 9.08 -3.66
N ARG B 333 -52.08 8.57 -3.23
CA ARG B 333 -51.31 9.13 -2.12
C ARG B 333 -49.95 8.46 -2.10
N PRO B 334 -48.96 9.09 -1.46
CA PRO B 334 -47.65 8.45 -1.31
C PRO B 334 -47.54 7.64 -0.04
N ILE B 335 -46.77 6.55 -0.15
CA ILE B 335 -46.49 5.66 0.97
C ILE B 335 -44.98 5.55 1.13
N LEU B 336 -44.50 5.71 2.36
CA LEU B 336 -43.07 5.77 2.63
C LEU B 336 -42.67 4.57 3.46
N THR B 337 -41.66 3.82 2.98
CA THR B 337 -41.23 2.57 3.60
C THR B 337 -40.22 2.87 4.69
N ILE B 338 -40.73 3.24 5.86
CA ILE B 338 -39.87 3.47 7.01
C ILE B 338 -39.35 2.14 7.53
N ILE B 339 -38.04 2.05 7.73
CA ILE B 339 -37.38 0.82 8.14
C ILE B 339 -37.37 0.75 9.67
N THR B 340 -37.81 -0.38 10.21
CA THR B 340 -37.81 -0.63 11.65
C THR B 340 -36.97 -1.88 11.92
N LEU B 341 -35.91 -1.71 12.71
CA LEU B 341 -34.96 -2.79 12.97
C LEU B 341 -35.30 -3.42 14.32
N GLU B 342 -35.54 -4.73 14.32
CA GLU B 342 -35.70 -5.51 15.53
C GLU B 342 -34.57 -6.52 15.62
N ASP B 343 -33.90 -6.58 16.77
CA ASP B 343 -32.75 -7.44 16.96
C ASP B 343 -32.64 -7.77 18.44
N SER B 344 -31.48 -8.33 18.83
CA SER B 344 -31.24 -8.64 20.24
C SER B 344 -31.24 -7.37 21.10
N SER B 345 -30.64 -6.29 20.60
CA SER B 345 -30.64 -5.03 21.32
C SER B 345 -32.03 -4.41 21.30
N GLY B 346 -32.29 -3.54 22.25
CA GLY B 346 -33.56 -2.88 22.40
C GLY B 346 -33.75 -1.63 21.58
N ASN B 347 -32.79 -1.29 20.72
CA ASN B 347 -32.86 -0.08 19.90
C ASN B 347 -33.37 -0.42 18.51
N LEU B 348 -34.21 0.46 17.97
CA LEU B 348 -34.75 0.32 16.62
C LEU B 348 -33.95 1.23 15.70
N LEU B 349 -33.30 0.64 14.71
CA LEU B 349 -32.38 1.36 13.83
C LEU B 349 -32.99 1.49 12.43
N GLY B 350 -32.18 1.98 11.49
CA GLY B 350 -32.60 2.08 10.11
C GLY B 350 -33.57 3.19 9.80
N ARG B 351 -33.15 4.45 9.97
CA ARG B 351 -33.98 5.61 9.65
C ARG B 351 -33.25 6.45 8.62
N ASP B 352 -33.68 6.36 7.37
CA ASP B 352 -33.05 7.01 6.23
C ASP B 352 -34.09 7.84 5.46
N SER B 353 -33.66 8.40 4.33
CA SER B 353 -34.56 9.15 3.45
C SER B 353 -35.26 8.18 2.51
N PHE B 354 -36.28 7.52 3.04
CA PHE B 354 -37.00 6.50 2.30
C PHE B 354 -37.84 7.13 1.18
N GLU B 355 -38.13 6.32 0.17
CA GLU B 355 -38.89 6.80 -0.98
C GLU B 355 -39.47 5.59 -1.72
N VAL B 356 -40.80 5.49 -1.77
CA VAL B 356 -41.49 4.47 -2.56
C VAL B 356 -42.74 5.10 -3.16
N ARG B 357 -42.86 5.02 -4.49
CA ARG B 357 -44.08 5.45 -5.17
C ARG B 357 -44.42 4.49 -6.29
N VAL B 358 -45.72 4.31 -6.51
CA VAL B 358 -46.20 3.47 -7.60
C VAL B 358 -47.23 4.17 -8.48
N CYS B 359 -47.91 5.22 -7.99
CA CYS B 359 -48.98 5.85 -8.73
C CYS B 359 -48.43 6.92 -9.68
N ALA B 360 -49.35 7.57 -10.40
CA ALA B 360 -49.05 8.67 -11.32
C ALA B 360 -48.10 8.13 -12.40
N CYS B 361 -47.05 8.85 -12.76
CA CYS B 361 -46.14 8.40 -13.82
C CYS B 361 -45.12 7.43 -13.26
N PRO B 362 -45.00 6.22 -13.82
CA PRO B 362 -44.00 5.27 -13.32
C PRO B 362 -42.57 5.76 -13.52
N GLY B 363 -42.18 6.03 -14.76
CA GLY B 363 -40.84 6.49 -15.07
C GLY B 363 -40.76 7.86 -15.70
N ARG B 364 -40.42 7.89 -16.99
CA ARG B 364 -40.30 9.11 -17.79
C ARG B 364 -39.22 10.00 -17.18
N ASP B 365 -39.30 11.31 -17.43
CA ASP B 365 -38.27 12.26 -17.04
C ASP B 365 -38.58 12.85 -15.66
N ARG B 366 -37.60 13.55 -15.11
CA ARG B 366 -37.70 14.14 -13.78
C ARG B 366 -37.43 15.63 -13.75
N ARG B 367 -36.93 16.21 -14.85
CA ARG B 367 -36.65 17.64 -14.86
C ARG B 367 -37.91 18.47 -14.68
N THR B 368 -39.01 18.04 -15.32
CA THR B 368 -40.25 18.81 -15.23
C THR B 368 -40.82 18.80 -13.82
N GLU B 369 -40.78 17.64 -13.13
CA GLU B 369 -41.25 17.61 -11.75
C GLU B 369 -40.31 18.37 -10.84
N GLU B 370 -39.00 18.30 -11.10
CA GLU B 370 -38.05 19.09 -10.34
C GLU B 370 -38.38 20.59 -10.44
N GLU B 371 -38.63 21.05 -11.66
CA GLU B 371 -38.90 22.47 -11.87
C GLU B 371 -40.23 22.88 -11.24
N ASN B 372 -41.28 22.06 -11.39
CA ASN B 372 -42.57 22.45 -10.84
C ASN B 372 -42.68 22.24 -9.34
N LEU B 373 -41.73 21.53 -8.72
CA LEU B 373 -41.72 21.43 -7.26
C LEU B 373 -40.74 22.40 -6.61
N ARG B 374 -39.69 22.82 -7.34
CA ARG B 374 -38.73 23.78 -6.80
C ARG B 374 -39.33 25.17 -6.61
N LYS B 375 -40.52 25.43 -7.15
CA LYS B 375 -41.22 26.69 -6.92
C LYS B 375 -42.18 26.64 -5.74
N LYS B 376 -42.24 25.51 -5.03
CA LYS B 376 -43.14 25.38 -3.90
C LYS B 376 -42.39 25.01 -2.63
N MET C 1 -25.21 22.43 16.14
CA MET C 1 -26.24 22.18 17.15
C MET C 1 -26.65 20.71 17.16
N PHE C 2 -26.08 19.92 16.26
CA PHE C 2 -26.37 18.50 16.14
C PHE C 2 -25.09 17.72 16.42
N GLN C 3 -24.94 17.24 17.65
CA GLN C 3 -23.76 16.50 18.07
C GLN C 3 -23.99 15.00 18.12
N ASP C 4 -25.13 14.51 17.62
CA ASP C 4 -25.41 13.08 17.65
C ASP C 4 -24.63 12.37 16.56
N PRO C 5 -23.75 11.43 16.90
CA PRO C 5 -22.95 10.74 15.87
C PRO C 5 -23.77 9.79 15.01
N GLN C 6 -24.61 8.99 15.64
CA GLN C 6 -25.39 7.97 14.93
C GLN C 6 -26.61 8.53 14.22
N GLU C 7 -27.00 9.76 14.52
CA GLU C 7 -28.20 10.38 13.96
C GLU C 7 -27.86 11.41 12.87
N ARG C 8 -26.67 11.32 12.30
CA ARG C 8 -26.18 12.40 11.43
C ARG C 8 -27.04 12.53 10.18
N PRO C 9 -27.58 13.71 9.90
CA PRO C 9 -28.26 13.94 8.63
C PRO C 9 -27.28 13.93 7.47
N ARG C 10 -27.80 13.58 6.29
CA ARG C 10 -26.97 13.48 5.09
C ARG C 10 -27.29 14.57 4.07
N LYS C 11 -28.54 14.67 3.65
CA LYS C 11 -28.92 15.53 2.54
C LYS C 11 -29.65 16.77 3.03
N LEU C 12 -29.28 17.92 2.47
CA LEU C 12 -29.96 19.16 2.81
C LEU C 12 -31.44 19.15 2.44
N PRO C 13 -31.86 18.71 1.24
CA PRO C 13 -33.30 18.52 1.02
C PRO C 13 -33.93 17.53 1.98
N GLN C 14 -33.18 16.52 2.42
CA GLN C 14 -33.69 15.63 3.47
C GLN C 14 -33.83 16.37 4.80
N LEU C 15 -32.86 17.23 5.12
CA LEU C 15 -32.96 18.03 6.34
C LEU C 15 -34.00 19.13 6.22
N CYS C 16 -34.54 19.35 5.02
CA CYS C 16 -35.49 20.44 4.82
C CYS C 16 -36.77 20.26 5.63
N THR C 17 -37.11 19.03 5.99
CA THR C 17 -38.41 18.78 6.62
C THR C 17 -38.37 19.02 8.13
N GLU C 18 -37.50 18.29 8.84
CA GLU C 18 -37.47 18.39 10.30
C GLU C 18 -36.98 19.74 10.80
N LEU C 19 -36.45 20.60 9.93
CA LEU C 19 -36.14 21.98 10.29
C LEU C 19 -37.36 22.88 10.17
N GLN C 20 -38.56 22.30 10.15
CA GLN C 20 -39.82 23.05 10.11
C GLN C 20 -39.89 23.94 8.87
N THR C 21 -39.87 23.29 7.71
CA THR C 21 -39.74 23.98 6.44
C THR C 21 -40.29 23.08 5.33
N THR C 22 -40.98 23.68 4.36
CA THR C 22 -41.46 22.87 3.24
C THR C 22 -40.37 22.69 2.19
N ILE C 23 -40.00 23.76 1.47
CA ILE C 23 -38.91 23.67 0.51
C ILE C 23 -37.93 24.84 0.63
N HIS C 24 -38.41 26.00 1.09
CA HIS C 24 -37.69 27.26 0.92
C HIS C 24 -37.69 28.08 2.20
N ASP C 25 -37.36 27.47 3.33
CA ASP C 25 -37.16 28.21 4.56
C ASP C 25 -35.91 27.75 5.33
N ILE C 26 -35.07 26.92 4.71
CA ILE C 26 -33.80 26.55 5.32
C ILE C 26 -32.85 27.73 5.27
N ILE C 27 -32.23 28.03 6.41
CA ILE C 27 -31.19 29.06 6.50
C ILE C 27 -30.07 28.49 7.35
N LEU C 28 -28.95 28.14 6.72
CA LEU C 28 -27.76 27.67 7.43
C LEU C 28 -26.53 28.43 6.96
N GLU C 29 -25.36 28.02 7.41
CA GLU C 29 -24.12 28.72 7.12
C GLU C 29 -23.05 27.71 6.71
N CYS C 30 -22.20 28.11 5.77
CA CYS C 30 -21.19 27.22 5.21
C CYS C 30 -19.98 27.15 6.14
N VAL C 31 -18.89 26.53 5.67
CA VAL C 31 -17.65 26.49 6.44
C VAL C 31 -16.51 27.06 5.61
N TYR C 32 -16.29 26.50 4.43
CA TYR C 32 -15.08 26.81 3.66
C TYR C 32 -15.09 28.20 3.07
N CYS C 33 -16.28 28.80 2.88
CA CYS C 33 -16.37 30.18 2.42
C CYS C 33 -16.96 31.12 3.47
N LYS C 34 -17.52 30.58 4.55
CA LYS C 34 -18.00 31.37 5.68
C LYS C 34 -19.06 32.38 5.25
N GLN C 35 -20.15 31.87 4.66
CA GLN C 35 -21.24 32.71 4.19
C GLN C 35 -22.56 32.01 4.43
N GLN C 36 -23.65 32.77 4.29
CA GLN C 36 -24.99 32.22 4.39
C GLN C 36 -25.32 31.40 3.14
N LEU C 37 -26.35 30.56 3.26
CA LEU C 37 -26.76 29.73 2.14
C LEU C 37 -27.30 30.59 1.00
N LEU C 38 -27.22 30.02 -0.21
CA LEU C 38 -27.78 30.62 -1.41
C LEU C 38 -28.74 29.63 -2.06
N ARG C 39 -29.86 30.14 -2.59
CA ARG C 39 -30.81 29.27 -3.26
C ARG C 39 -30.14 28.50 -4.40
N ARG C 40 -29.36 29.19 -5.23
CA ARG C 40 -28.59 28.51 -6.26
C ARG C 40 -27.58 27.55 -5.65
N GLU C 41 -26.98 27.94 -4.53
CA GLU C 41 -26.06 27.04 -3.82
C GLU C 41 -26.79 25.81 -3.32
N VAL C 42 -28.02 25.97 -2.82
CA VAL C 42 -28.82 24.82 -2.40
C VAL C 42 -29.11 23.91 -3.58
N TYR C 43 -29.47 24.50 -4.73
CA TYR C 43 -29.73 23.70 -5.92
C TYR C 43 -28.49 22.93 -6.35
N ASP C 44 -27.33 23.57 -6.31
CA ASP C 44 -26.10 22.91 -6.72
C ASP C 44 -25.68 21.83 -5.72
N PHE C 45 -25.87 22.08 -4.43
CA PHE C 45 -25.62 21.05 -3.41
C PHE C 45 -26.49 19.84 -3.66
N ALA C 46 -27.77 20.07 -3.98
CA ALA C 46 -28.64 18.97 -4.39
C ALA C 46 -28.22 18.37 -5.73
N PHE C 47 -27.45 19.10 -6.53
CA PHE C 47 -27.00 18.61 -7.82
C PHE C 47 -25.73 17.76 -7.72
N ARG C 48 -25.13 17.64 -6.54
CA ARG C 48 -23.94 16.82 -6.37
C ARG C 48 -24.05 15.79 -5.25
N ASP C 49 -25.13 15.79 -4.49
CA ASP C 49 -25.46 14.71 -3.54
C ASP C 49 -24.35 14.54 -2.50
N LEU C 50 -24.11 15.61 -1.75
CA LEU C 50 -23.07 15.61 -0.72
C LEU C 50 -23.58 14.88 0.51
N CYS C 51 -22.85 14.98 1.61
CA CYS C 51 -23.25 14.35 2.87
C CYS C 51 -22.79 15.24 4.02
N ILE C 52 -23.73 15.98 4.60
CA ILE C 52 -23.40 16.98 5.62
C ILE C 52 -22.94 16.28 6.88
N VAL C 53 -21.72 16.59 7.32
CA VAL C 53 -21.18 16.09 8.58
C VAL C 53 -20.89 17.29 9.47
N TYR C 54 -21.02 17.08 10.77
CA TYR C 54 -20.90 18.16 11.74
C TYR C 54 -19.45 18.63 11.83
N ARG C 55 -19.25 19.94 11.75
CA ARG C 55 -17.96 20.55 12.04
C ARG C 55 -17.97 21.07 13.47
N ASP C 56 -17.00 20.62 14.27
CA ASP C 56 -16.88 20.93 15.70
C ASP C 56 -18.23 20.98 16.41
N GLY C 57 -19.07 19.98 16.10
CA GLY C 57 -20.41 19.87 16.65
C GLY C 57 -21.51 20.47 15.79
N ASN C 58 -21.27 21.64 15.21
CA ASN C 58 -22.29 22.32 14.43
C ASN C 58 -22.30 21.78 13.00
N PRO C 59 -23.41 21.19 12.54
CA PRO C 59 -23.50 20.76 11.14
C PRO C 59 -23.71 21.96 10.22
N TYR C 60 -22.87 22.07 9.20
CA TYR C 60 -22.91 23.20 8.27
C TYR C 60 -22.88 22.69 6.85
N ALA C 61 -23.41 23.51 5.94
CA ALA C 61 -23.55 23.13 4.55
C ALA C 61 -22.27 23.43 3.77
N VAL C 62 -22.33 23.32 2.45
CA VAL C 62 -21.19 23.57 1.57
C VAL C 62 -21.69 24.39 0.39
N CYS C 63 -20.87 25.34 -0.07
CA CYS C 63 -21.26 26.29 -1.09
C CYS C 63 -21.12 25.66 -2.49
N ASP C 64 -21.31 26.48 -3.52
CA ASP C 64 -21.18 26.09 -4.91
C ASP C 64 -19.87 26.54 -5.54
N LYS C 65 -19.51 27.82 -5.36
CA LYS C 65 -18.29 28.35 -5.95
C LYS C 65 -17.05 27.66 -5.42
N CYS C 66 -17.13 27.05 -4.23
CA CYS C 66 -16.01 26.34 -3.65
C CYS C 66 -15.83 24.93 -4.23
N LEU C 67 -16.49 24.65 -5.36
CA LEU C 67 -16.43 23.30 -5.93
C LEU C 67 -15.02 22.95 -6.38
N LYS C 68 -14.39 23.80 -7.18
CA LYS C 68 -13.02 23.58 -7.66
C LYS C 68 -12.00 24.30 -6.78
N PHE C 69 -12.07 24.12 -5.47
CA PHE C 69 -11.11 24.69 -4.54
C PHE C 69 -10.40 23.64 -3.70
N TYR C 70 -11.13 22.75 -3.05
CA TYR C 70 -10.55 21.66 -2.28
C TYR C 70 -10.62 20.33 -3.02
N SER C 71 -10.95 20.36 -4.31
CA SER C 71 -10.96 19.16 -5.15
C SER C 71 -9.89 19.16 -6.23
N LYS C 72 -9.57 20.32 -6.81
CA LYS C 72 -8.49 20.41 -7.78
C LYS C 72 -7.14 20.04 -7.18
N ILE C 73 -7.01 20.12 -5.85
CA ILE C 73 -5.74 19.81 -5.21
C ILE C 73 -5.39 18.33 -5.31
N SER C 74 -6.39 17.46 -5.46
CA SER C 74 -6.13 16.02 -5.50
C SER C 74 -6.58 15.37 -6.82
N GLU C 75 -6.24 16.00 -7.95
CA GLU C 75 -6.47 15.39 -9.24
C GLU C 75 -5.18 15.13 -10.02
N TYR C 76 -4.06 15.73 -9.62
CA TYR C 76 -2.78 15.51 -10.28
C TYR C 76 -1.70 15.00 -9.34
N ARG C 77 -2.04 14.76 -8.07
CA ARG C 77 -1.05 14.41 -7.06
C ARG C 77 -0.95 12.90 -6.82
N HIS C 78 -2.06 12.24 -6.54
CA HIS C 78 -2.09 10.81 -6.27
C HIS C 78 -2.66 10.07 -7.48
N TYR C 79 -2.05 8.95 -7.82
CA TYR C 79 -2.46 8.20 -9.01
C TYR C 79 -2.43 6.70 -8.72
N CYS C 80 -3.32 6.00 -9.41
CA CYS C 80 -3.50 4.54 -9.34
C CYS C 80 -4.19 4.11 -10.64
N TYR C 81 -4.80 2.93 -10.61
CA TYR C 81 -5.38 2.25 -11.78
C TYR C 81 -6.05 3.23 -12.72
N SER C 82 -5.60 3.25 -13.98
CA SER C 82 -6.06 4.23 -14.96
C SER C 82 -6.43 3.56 -16.27
N LEU C 83 -7.17 2.46 -16.22
CA LEU C 83 -7.54 1.71 -17.40
C LEU C 83 -9.02 1.35 -17.38
N TYR C 84 -9.58 1.13 -18.56
CA TYR C 84 -10.95 0.65 -18.72
C TYR C 84 -10.96 -0.82 -19.10
N GLY C 85 -10.02 -1.59 -18.56
CA GLY C 85 -10.02 -3.03 -18.77
C GLY C 85 -10.63 -3.74 -17.58
N THR C 86 -9.85 -4.60 -16.92
CA THR C 86 -10.26 -5.25 -15.70
C THR C 86 -9.58 -4.66 -14.46
N THR C 87 -9.06 -3.44 -14.57
CA THR C 87 -8.23 -2.89 -13.50
C THR C 87 -9.03 -2.66 -12.21
N LEU C 88 -10.33 -2.40 -12.33
CA LEU C 88 -11.27 -2.59 -11.21
C LEU C 88 -12.43 -3.41 -11.74
N GLU C 89 -12.18 -4.71 -11.89
CA GLU C 89 -13.24 -5.69 -12.12
C GLU C 89 -13.05 -6.98 -11.34
N GLN C 90 -11.83 -7.31 -10.92
CA GLN C 90 -11.52 -8.54 -10.20
C GLN C 90 -10.93 -8.29 -8.82
N GLN C 91 -10.23 -7.18 -8.62
CA GLN C 91 -9.68 -6.86 -7.31
C GLN C 91 -10.78 -6.69 -6.26
N TYR C 92 -12.02 -6.43 -6.71
CA TYR C 92 -13.18 -6.40 -5.83
C TYR C 92 -14.26 -7.29 -6.42
N ASN C 93 -15.18 -7.72 -5.56
CA ASN C 93 -16.21 -8.67 -5.97
C ASN C 93 -17.11 -8.09 -7.04
N LYS C 94 -17.83 -7.01 -6.72
CA LYS C 94 -18.66 -6.35 -7.72
C LYS C 94 -17.81 -5.36 -8.52
N PRO C 95 -17.75 -5.48 -9.84
CA PRO C 95 -16.78 -4.69 -10.62
C PRO C 95 -16.94 -3.18 -10.50
N LEU C 96 -18.09 -2.65 -10.96
CA LEU C 96 -18.31 -1.21 -11.00
C LEU C 96 -19.71 -0.90 -11.50
N CYS C 97 -20.06 0.38 -11.60
CA CYS C 97 -21.30 0.81 -12.22
C CYS C 97 -21.20 0.70 -13.74
N ASP C 98 -22.18 1.26 -14.45
CA ASP C 98 -22.03 1.43 -15.88
C ASP C 98 -20.84 2.34 -16.13
N LEU C 99 -20.94 3.60 -15.73
CA LEU C 99 -19.80 4.51 -15.68
C LEU C 99 -19.83 5.43 -14.47
N LEU C 100 -20.52 5.06 -13.39
CA LEU C 100 -20.67 5.95 -12.24
C LEU C 100 -19.58 5.72 -11.22
N ILE C 101 -19.10 6.82 -10.64
CA ILE C 101 -18.14 6.82 -9.53
C ILE C 101 -18.61 7.86 -8.52
N ARG C 102 -17.80 8.12 -7.52
CA ARG C 102 -17.95 9.33 -6.70
C ARG C 102 -17.00 10.37 -7.28
N CYS C 103 -17.53 11.24 -8.14
CA CYS C 103 -16.70 12.07 -9.01
C CYS C 103 -15.95 13.15 -8.23
N ILE C 104 -14.84 13.61 -8.83
CA ILE C 104 -13.98 14.61 -8.23
C ILE C 104 -13.91 15.86 -9.10
N ASN C 105 -14.06 15.69 -10.41
CA ASN C 105 -14.04 16.82 -11.34
C ASN C 105 -15.44 17.34 -11.65
N CYS C 106 -16.31 16.49 -12.23
CA CYS C 106 -17.70 16.89 -12.38
C CYS C 106 -18.43 16.87 -11.06
N GLN C 107 -18.01 16.03 -10.13
CA GLN C 107 -18.33 16.04 -8.71
C GLN C 107 -19.75 15.56 -8.42
N LYS C 108 -20.59 15.35 -9.43
CA LYS C 108 -21.80 14.63 -9.14
C LYS C 108 -21.58 13.15 -9.43
N PRO C 109 -22.37 12.24 -8.84
CA PRO C 109 -22.08 10.82 -9.03
C PRO C 109 -21.98 10.39 -10.48
N LEU C 110 -22.82 10.95 -11.36
CA LEU C 110 -22.70 10.69 -12.80
C LEU C 110 -23.48 11.74 -13.56
N CYS C 111 -22.80 12.50 -14.41
CA CYS C 111 -23.49 13.42 -15.29
C CYS C 111 -24.13 12.65 -16.45
N PRO C 112 -25.26 13.12 -16.97
CA PRO C 112 -25.89 12.44 -18.10
C PRO C 112 -25.02 12.42 -19.34
N GLU C 113 -24.60 13.60 -19.78
CA GLU C 113 -23.81 13.72 -21.01
C GLU C 113 -22.33 13.88 -20.68
N GLU C 114 -21.77 12.81 -20.09
CA GLU C 114 -20.34 12.79 -19.80
C GLU C 114 -19.72 11.43 -20.09
N LYS C 115 -20.46 10.50 -20.69
CA LYS C 115 -19.91 9.17 -20.95
C LYS C 115 -18.81 9.21 -21.99
N GLN C 116 -19.02 9.95 -23.08
CA GLN C 116 -18.05 10.02 -24.17
C GLN C 116 -17.39 11.39 -24.29
N ARG C 117 -17.75 12.35 -23.43
CA ARG C 117 -17.18 13.69 -23.53
C ARG C 117 -15.67 13.67 -23.34
N HIS C 118 -15.19 12.94 -22.33
CA HIS C 118 -13.75 12.76 -22.19
C HIS C 118 -13.18 11.93 -23.33
N LEU C 119 -13.90 10.88 -23.74
CA LEU C 119 -13.37 9.97 -24.77
C LEU C 119 -13.14 10.70 -26.08
N ASP C 120 -13.88 11.77 -26.34
CA ASP C 120 -13.68 12.54 -27.57
C ASP C 120 -12.36 13.30 -27.60
N LYS C 121 -11.64 13.39 -26.47
CA LYS C 121 -10.43 14.17 -26.38
C LYS C 121 -9.17 13.32 -26.29
N LYS C 122 -9.12 12.38 -25.34
CA LYS C 122 -7.97 11.51 -25.12
C LYS C 122 -6.69 12.32 -24.86
N GLN C 123 -6.74 13.13 -23.80
CA GLN C 123 -5.61 13.96 -23.39
C GLN C 123 -5.44 13.85 -21.87
N ARG C 124 -4.65 12.86 -21.44
CA ARG C 124 -4.30 12.67 -20.04
C ARG C 124 -5.55 12.59 -19.16
N PHE C 125 -6.31 11.52 -19.37
CA PHE C 125 -7.49 11.25 -18.57
C PHE C 125 -7.14 11.21 -17.08
N HIS C 126 -7.96 11.85 -16.27
CA HIS C 126 -7.74 11.91 -14.82
C HIS C 126 -8.49 10.79 -14.10
N ASN C 127 -8.21 9.54 -14.49
CA ASN C 127 -8.72 8.40 -13.73
C ASN C 127 -7.89 8.29 -12.46
N ILE C 128 -8.37 8.91 -11.39
CA ILE C 128 -7.62 8.99 -10.13
C ILE C 128 -8.08 7.86 -9.23
N ARG C 129 -7.15 7.02 -8.81
CA ARG C 129 -7.42 5.88 -7.94
C ARG C 129 -8.47 4.94 -8.53
N GLY C 130 -8.74 5.05 -9.83
CA GLY C 130 -9.72 4.21 -10.49
C GLY C 130 -11.10 4.81 -10.63
N ARG C 131 -11.24 6.12 -10.45
CA ARG C 131 -12.55 6.78 -10.48
CA ARG C 131 -12.55 6.78 -10.48
C ARG C 131 -12.69 7.56 -11.79
N TRP C 132 -13.67 7.16 -12.61
CA TRP C 132 -13.92 7.76 -13.92
C TRP C 132 -14.67 9.08 -13.77
N THR C 133 -13.92 10.14 -13.46
CA THR C 133 -14.53 11.44 -13.33
C THR C 133 -14.78 12.07 -14.71
N GLY C 134 -15.70 13.02 -14.74
CA GLY C 134 -16.02 13.72 -15.97
C GLY C 134 -16.05 15.23 -15.79
N ARG C 135 -16.80 15.92 -16.63
CA ARG C 135 -16.94 17.37 -16.54
C ARG C 135 -18.42 17.74 -16.49
N CYS C 136 -18.73 18.79 -15.74
CA CYS C 136 -20.11 19.24 -15.58
C CYS C 136 -20.41 20.41 -16.52
N MET C 137 -21.69 20.75 -16.60
CA MET C 137 -22.12 21.87 -17.45
CA MET C 137 -22.12 21.87 -17.45
C MET C 137 -21.81 23.23 -16.83
N SER C 138 -21.54 23.27 -15.52
CA SER C 138 -21.20 24.53 -14.86
C SER C 138 -19.74 24.90 -15.03
N CYS C 139 -18.91 24.00 -15.54
CA CYS C 139 -17.49 24.25 -15.76
C CYS C 139 -17.05 23.71 -17.12
N CYS C 140 -17.86 23.96 -18.15
CA CYS C 140 -17.53 23.46 -19.49
C CYS C 140 -16.39 24.26 -20.11
N ARG C 141 -16.60 25.56 -20.32
CA ARG C 141 -15.63 26.42 -20.95
C ARG C 141 -14.85 27.21 -19.89
N SER C 142 -13.94 28.06 -20.37
CA SER C 142 -13.15 28.88 -19.46
C SER C 142 -14.01 30.00 -18.89
N SER C 143 -14.24 29.96 -17.58
CA SER C 143 -15.07 30.95 -16.92
C SER C 143 -14.27 31.79 -15.94
#